data_7QCU
#
_entry.id   7QCU
#
_cell.length_a   1.00
_cell.length_b   1.00
_cell.length_c   1.00
_cell.angle_alpha   90.00
_cell.angle_beta   90.00
_cell.angle_gamma   90.00
#
_symmetry.space_group_name_H-M   'P 1'
#
loop_
_entity.id
_entity.type
_entity.pdbx_description
1 polymer Mucin-2
2 branched alpha-D-mannopyranose-(1-3)-[alpha-D-mannopyranose-(1-6)]beta-D-mannopyranose-(1-4)-2-acetamido-2-deoxy-beta-D-glucopyranose-(1-4)-2-acetamido-2-deoxy-beta-D-glucopyranose
3 non-polymer 'CALCIUM ION'
4 non-polymer 2-acetamido-2-deoxy-beta-D-glucopyranose
#
_entity_poly.entity_id   1
_entity_poly.type   'polypeptide(L)'
_entity_poly.pdbx_seq_one_letter_code
;AAQPARRAVRSSRRHHHHHHGSGLEVLFQGPTPGTKPPECPDFDPPRQENETWWLCDCFMATCKYNNTVEIVKVECEPPP
MPTCSNGLQPVRVEDPDGCCWHWECDCYCTGWGDPHYVTFDGLYYSYQGNCTYVLVEEISPSVDNFGVYIDNYHCDPNDK
VSCPRTLIVRHETQEVLIKTVHMMPMQVQVQVNRQAVALPYKKYGLEVYQSGINYVVDIPELGVLVSYNGLSFSVRLPYH
RFGNNTKGQCGTCTNTTSDDCILPSGEIVSNCEAAADQWLVNDPSKPHCPHSSSTTKRPAVTVPGGGKTTPHKDCTPSPL
CQLIKDSLFAQCHALVPPQHYYDACVFDSCFMPGSSLECASLQAYAALCAQQNICLDWRNHTHGACLVECPSHREYQACG
PAEEPTCKSSSSQQNNTVLVEGCFCPEGTMNYAPGFDVCVKTCGCVGPDNVPREFGEHFEFDCKNCVCLEGGSGIICQPK
RCSQKPVTHCVEDGTYLATEVNPADTCCNITVCKCNTSLCKEKPSVCPLGFEVKSKMVPGRCCPFYWCESKGVCVHGNAE
YQPGSPVYSSKCQDCVCTDKVDNNTLLNVIACTHVPCNTSCSPGFELMEAPGECCKKCEQTHCIIKRPDNQHVILKPGDF
KSDPKNNCTFFSCVKIHNQLISSVSNITCPNFDASICIPGSITFMPNGCCKTCTPRNETRVPCSTVPVTTEVSYAGCTKT
VLMNHCSGSCGTFVMYSAKAQALDHSCSCCKEEKTSQREVVLSCPNGGSLTHTYTHIESCQCQDTVCGLPTGTSRRARRS
PRHLGSG
;
_entity_poly.pdbx_strand_id   A,B
#
# COMPACT_ATOMS: atom_id res chain seq x y z
N PRO A 38 -26.94 -5.14 47.14
CA PRO A 38 -27.64 -6.37 46.79
C PRO A 38 -28.19 -6.33 45.38
N GLU A 39 -28.72 -5.19 44.96
CA GLU A 39 -29.10 -5.05 43.54
C GLU A 39 -27.78 -4.65 42.91
N CYS A 40 -27.41 -5.32 41.84
CA CYS A 40 -26.06 -5.06 41.30
C CYS A 40 -25.94 -3.63 40.81
N PRO A 41 -24.90 -2.91 41.26
CA PRO A 41 -24.66 -1.55 40.82
C PRO A 41 -23.84 -1.60 39.52
N ASP A 42 -24.49 -1.96 38.43
CA ASP A 42 -23.77 -2.11 37.14
C ASP A 42 -23.21 -0.72 36.80
N THR A 52 -26.72 -9.35 38.91
CA THR A 52 -28.03 -9.47 38.24
C THR A 52 -27.69 -9.09 36.83
N TRP A 53 -26.49 -9.50 36.45
CA TRP A 53 -26.10 -8.93 35.16
C TRP A 53 -25.36 -9.88 34.27
N TRP A 54 -25.52 -9.70 32.96
CA TRP A 54 -24.71 -10.49 31.99
C TRP A 54 -23.28 -9.99 32.13
N LEU A 55 -22.37 -10.84 32.63
CA LEU A 55 -20.97 -10.40 32.88
C LEU A 55 -20.16 -10.43 31.57
N CYS A 56 -18.90 -9.97 31.62
CA CYS A 56 -18.03 -9.90 30.42
C CYS A 56 -17.67 -11.31 29.93
N ASP A 57 -17.28 -11.43 28.66
CA ASP A 57 -16.86 -12.74 28.09
C ASP A 57 -18.08 -13.65 28.10
N CYS A 58 -19.27 -13.05 27.94
CA CYS A 58 -20.54 -13.82 28.03
C CYS A 58 -20.61 -14.64 29.33
N PHE A 59 -20.34 -13.99 30.45
CA PHE A 59 -20.60 -14.68 31.74
C PHE A 59 -21.96 -14.12 32.12
N MET A 60 -22.63 -14.62 33.14
CA MET A 60 -23.91 -13.99 33.48
C MET A 60 -23.87 -14.00 34.97
N ALA A 61 -24.81 -13.35 35.63
CA ALA A 61 -24.86 -13.44 37.10
C ALA A 61 -26.24 -12.96 37.48
N THR A 62 -26.56 -13.11 38.75
CA THR A 62 -27.75 -12.45 39.35
C THR A 62 -27.13 -11.88 40.63
N CYS A 63 -27.78 -11.04 41.42
CA CYS A 63 -27.02 -10.44 42.55
C CYS A 63 -27.60 -10.61 43.94
N LYS A 64 -26.76 -10.90 44.92
CA LYS A 64 -27.25 -10.92 46.32
C LYS A 64 -26.48 -9.84 47.06
N TYR A 65 -25.30 -9.45 46.56
CA TYR A 65 -24.47 -8.33 47.07
C TYR A 65 -23.67 -8.01 45.81
N ASN A 66 -23.03 -6.85 45.67
CA ASN A 66 -22.21 -6.67 44.46
C ASN A 66 -21.07 -7.67 44.48
N ASN A 67 -20.44 -7.90 45.64
CA ASN A 67 -19.42 -8.95 45.68
C ASN A 67 -20.13 -10.28 45.53
N THR A 68 -21.12 -10.53 46.37
CA THR A 68 -21.72 -11.88 46.37
C THR A 68 -22.73 -11.95 45.22
N VAL A 69 -22.30 -12.53 44.11
CA VAL A 69 -23.10 -12.48 42.87
C VAL A 69 -23.43 -13.93 42.49
N GLU A 70 -24.35 -14.15 41.55
CA GLU A 70 -24.71 -15.54 41.27
C GLU A 70 -24.25 -15.86 39.87
N ILE A 71 -22.97 -16.19 39.71
CA ILE A 71 -22.41 -16.34 38.33
C ILE A 71 -23.03 -17.41 37.46
N VAL A 72 -23.24 -17.01 36.20
CA VAL A 72 -23.67 -17.92 35.13
C VAL A 72 -22.66 -17.88 34.02
N LYS A 73 -22.69 -18.81 33.07
CA LYS A 73 -21.88 -18.74 31.85
C LYS A 73 -22.72 -19.07 30.64
N VAL A 74 -22.70 -18.28 29.57
CA VAL A 74 -23.51 -18.74 28.41
C VAL A 74 -22.55 -19.07 27.27
N GLU A 75 -22.59 -20.32 26.85
CA GLU A 75 -21.84 -20.85 25.69
C GLU A 75 -22.72 -21.95 25.09
N CYS A 76 -22.70 -22.28 23.60
CA CYS A 76 -23.51 -23.21 22.83
C CYS A 76 -22.91 -23.37 21.44
N GLU A 77 -23.26 -24.47 20.79
CA GLU A 77 -22.78 -24.77 19.45
C GLU A 77 -23.91 -25.42 18.68
N PRO A 78 -24.73 -24.63 17.98
CA PRO A 78 -25.82 -25.20 17.20
C PRO A 78 -25.29 -26.02 16.03
N PRO A 79 -26.01 -27.06 15.61
CA PRO A 79 -25.56 -27.86 14.47
C PRO A 79 -25.59 -27.04 13.21
N PRO A 80 -24.80 -27.30 12.09
CA PRO A 80 -24.95 -26.58 10.81
C PRO A 80 -26.35 -26.56 10.23
N MET A 81 -26.75 -25.42 9.64
CA MET A 81 -27.95 -25.39 8.77
C MET A 81 -27.82 -26.54 7.78
N PRO A 82 -28.66 -27.59 7.86
CA PRO A 82 -28.42 -28.77 7.06
C PRO A 82 -28.48 -28.39 5.59
N THR A 83 -29.57 -27.76 5.21
CA THR A 83 -29.70 -27.47 3.77
C THR A 83 -30.17 -26.03 3.61
N CYS A 84 -29.51 -25.28 2.73
CA CYS A 84 -30.03 -23.93 2.43
C CYS A 84 -30.57 -24.05 1.00
N SER A 85 -31.56 -23.23 0.67
CA SER A 85 -32.19 -23.31 -0.67
C SER A 85 -31.11 -23.18 -1.73
N ASN A 86 -30.02 -22.48 -1.41
CA ASN A 86 -28.90 -22.34 -2.38
C ASN A 86 -28.01 -23.59 -2.33
N GLY A 87 -27.94 -24.28 -1.19
CA GLY A 87 -27.19 -25.55 -1.15
C GLY A 87 -25.75 -25.25 -0.98
N LEU A 88 -25.47 -24.02 -0.69
CA LEU A 88 -24.08 -23.69 -0.41
C LEU A 88 -23.91 -23.90 1.09
N GLN A 89 -22.69 -24.17 1.52
CA GLN A 89 -22.41 -24.27 2.94
C GLN A 89 -22.66 -22.92 3.62
N PRO A 90 -23.49 -22.87 4.65
CA PRO A 90 -23.70 -21.62 5.38
C PRO A 90 -22.46 -21.19 6.13
N VAL A 91 -22.33 -19.87 6.28
CA VAL A 91 -21.18 -19.27 6.92
C VAL A 91 -21.50 -19.01 8.38
N ARG A 92 -20.45 -18.81 9.17
CA ARG A 92 -20.54 -18.67 10.62
C ARG A 92 -20.67 -17.20 10.99
N VAL A 93 -21.87 -16.81 11.42
CA VAL A 93 -22.19 -15.41 11.70
C VAL A 93 -22.27 -15.22 13.20
N GLU A 94 -21.46 -14.31 13.73
CA GLU A 94 -21.34 -14.10 15.16
C GLU A 94 -22.55 -13.36 15.71
N ASP A 95 -22.90 -13.67 16.96
CA ASP A 95 -23.93 -12.91 17.65
C ASP A 95 -23.40 -11.52 18.04
N PRO A 96 -24.29 -10.57 18.31
CA PRO A 96 -23.80 -9.26 18.78
C PRO A 96 -22.95 -9.34 20.04
N ASP A 97 -23.29 -10.25 20.96
CA ASP A 97 -22.50 -10.49 22.15
C ASP A 97 -21.52 -11.65 21.89
N GLY A 98 -20.76 -12.00 22.92
CA GLY A 98 -19.76 -13.04 22.79
C GLY A 98 -20.25 -14.41 23.24
N CYS A 99 -21.57 -14.58 23.36
CA CYS A 99 -22.12 -15.84 23.84
C CYS A 99 -21.96 -16.95 22.81
N CYS A 100 -22.58 -16.80 21.66
CA CYS A 100 -22.61 -17.86 20.67
C CYS A 100 -22.60 -17.24 19.28
N TRP A 101 -22.94 -18.07 18.29
CA TRP A 101 -23.04 -17.66 16.90
C TRP A 101 -24.14 -18.47 16.24
N HIS A 102 -24.24 -18.37 14.92
CA HIS A 102 -25.23 -19.13 14.17
C HIS A 102 -24.72 -19.36 12.76
N TRP A 103 -25.47 -20.16 12.00
CA TRP A 103 -25.16 -20.44 10.61
C TRP A 103 -26.12 -19.65 9.75
N GLU A 104 -25.59 -18.69 8.98
CA GLU A 104 -26.38 -17.97 7.99
C GLU A 104 -25.74 -18.21 6.63
N CYS A 105 -26.60 -18.69 5.71
CA CYS A 105 -26.15 -18.96 4.33
C CYS A 105 -26.01 -17.67 3.55
N ASP A 106 -24.97 -17.57 2.74
CA ASP A 106 -24.80 -16.40 1.90
C ASP A 106 -25.79 -16.41 0.74
N CYS A 107 -26.23 -15.21 0.37
CA CYS A 107 -27.11 -15.02 -0.78
C CYS A 107 -26.25 -15.04 -2.04
N TYR A 108 -26.39 -16.09 -2.84
CA TYR A 108 -25.56 -16.28 -4.03
C TYR A 108 -26.46 -16.37 -5.25
N CYS A 109 -26.28 -15.43 -6.18
CA CYS A 109 -27.01 -15.41 -7.43
C CYS A 109 -26.03 -15.61 -8.58
N THR A 110 -26.30 -16.57 -9.44
CA THR A 110 -25.42 -16.86 -10.57
C THR A 110 -26.20 -16.78 -11.86
N GLY A 111 -25.57 -16.21 -12.88
CA GLY A 111 -26.17 -16.19 -14.20
C GLY A 111 -25.15 -16.48 -15.27
N TRP A 112 -25.38 -17.53 -16.07
CA TRP A 112 -24.44 -17.94 -17.09
C TRP A 112 -25.12 -17.94 -18.45
N GLY A 113 -24.31 -17.80 -19.49
CA GLY A 113 -24.86 -17.82 -20.82
C GLY A 113 -25.76 -16.63 -21.06
N ASP A 114 -26.56 -16.75 -22.11
CA ASP A 114 -27.48 -15.67 -22.47
C ASP A 114 -28.71 -15.65 -21.56
N PRO A 115 -29.50 -16.74 -21.46
CA PRO A 115 -30.80 -16.62 -20.76
C PRO A 115 -30.83 -17.09 -19.31
N HIS A 116 -29.79 -17.76 -18.83
CA HIS A 116 -29.89 -18.56 -17.61
C HIS A 116 -29.60 -17.73 -16.36
N TYR A 117 -30.43 -17.92 -15.35
CA TYR A 117 -30.26 -17.31 -14.04
C TYR A 117 -30.56 -18.35 -12.97
N VAL A 118 -29.93 -18.22 -11.81
CA VAL A 118 -30.37 -18.90 -10.60
C VAL A 118 -30.49 -17.86 -9.50
N THR A 119 -31.61 -17.88 -8.78
CA THR A 119 -31.90 -16.85 -7.80
C THR A 119 -31.03 -17.04 -6.57
N PHE A 120 -31.23 -16.19 -5.56
CA PHE A 120 -30.39 -16.26 -4.34
C PHE A 120 -30.73 -17.55 -3.60
N ASP A 121 -31.83 -18.20 -3.99
CA ASP A 121 -32.28 -19.39 -3.24
C ASP A 121 -32.31 -20.66 -4.11
N GLY A 122 -31.47 -20.76 -5.14
CA GLY A 122 -31.38 -22.03 -5.91
C GLY A 122 -32.48 -22.24 -6.93
N LEU A 123 -33.33 -21.25 -7.19
CA LEU A 123 -34.34 -21.37 -8.23
C LEU A 123 -33.75 -20.99 -9.58
N TYR A 124 -33.71 -21.95 -10.50
CA TYR A 124 -33.16 -21.76 -11.82
C TYR A 124 -34.27 -21.42 -12.81
N TYR A 125 -33.98 -20.48 -13.71
CA TYR A 125 -34.91 -20.14 -14.78
C TYR A 125 -34.10 -19.61 -15.96
N SER A 126 -34.78 -19.49 -17.10
CA SER A 126 -34.16 -19.01 -18.32
C SER A 126 -35.00 -17.87 -18.90
N TYR A 127 -34.48 -16.65 -18.78
CA TYR A 127 -35.17 -15.46 -19.27
C TYR A 127 -34.35 -14.81 -20.36
N GLN A 128 -35.00 -14.53 -21.49
CA GLN A 128 -34.36 -13.89 -22.63
C GLN A 128 -34.82 -12.44 -22.71
N GLY A 129 -33.85 -11.53 -22.82
CA GLY A 129 -34.16 -10.12 -22.89
C GLY A 129 -33.18 -9.38 -23.77
N ASN A 130 -33.54 -8.14 -24.10
CA ASN A 130 -32.73 -7.31 -24.98
C ASN A 130 -32.37 -5.97 -24.36
N CYS A 131 -33.00 -5.59 -23.26
CA CYS A 131 -32.69 -4.33 -22.61
C CYS A 131 -32.05 -4.57 -21.25
N THR A 132 -31.52 -3.50 -20.67
CA THR A 132 -30.88 -3.60 -19.36
C THR A 132 -31.91 -3.93 -18.27
N TYR A 133 -31.52 -4.83 -17.37
CA TYR A 133 -32.40 -5.31 -16.32
C TYR A 133 -31.68 -5.21 -14.98
N VAL A 134 -32.48 -5.18 -13.92
CA VAL A 134 -31.97 -5.08 -12.55
C VAL A 134 -31.74 -6.48 -11.99
N LEU A 135 -30.53 -6.72 -11.48
CA LEU A 135 -30.23 -7.98 -10.81
C LEU A 135 -30.66 -7.95 -9.35
N VAL A 136 -30.07 -7.04 -8.57
CA VAL A 136 -30.40 -6.90 -7.16
C VAL A 136 -30.47 -5.42 -6.80
N GLU A 137 -31.53 -5.05 -6.10
CA GLU A 137 -31.67 -3.73 -5.47
C GLU A 137 -32.11 -3.96 -4.02
N GLU A 138 -32.51 -2.89 -3.35
CA GLU A 138 -32.99 -2.96 -1.99
C GLU A 138 -34.45 -2.54 -1.95
N ILE A 139 -35.30 -3.39 -1.34
CA ILE A 139 -36.70 -3.03 -1.17
C ILE A 139 -36.83 -1.81 -0.27
N SER A 140 -36.13 -1.84 0.87
CA SER A 140 -36.04 -0.68 1.75
C SER A 140 -34.64 -0.10 1.62
N PRO A 141 -34.48 1.07 1.02
CA PRO A 141 -33.12 1.58 0.75
C PRO A 141 -32.39 1.91 2.04
N SER A 142 -31.28 1.21 2.23
CA SER A 142 -30.43 1.46 3.41
C SER A 142 -29.08 1.98 2.94
N VAL A 143 -28.61 1.53 1.77
CA VAL A 143 -27.34 2.12 1.23
C VAL A 143 -27.74 2.99 0.07
N ASP A 144 -27.09 4.14 -0.08
CA ASP A 144 -27.51 5.12 -1.11
C ASP A 144 -27.22 4.60 -2.52
N ASN A 145 -28.24 4.56 -3.38
CA ASN A 145 -28.03 4.18 -4.80
C ASN A 145 -27.28 2.85 -4.89
N PHE A 146 -27.67 1.83 -4.13
CA PHE A 146 -26.98 0.52 -4.31
C PHE A 146 -27.81 -0.38 -5.22
N GLY A 147 -27.28 -0.70 -6.40
CA GLY A 147 -27.97 -1.64 -7.29
C GLY A 147 -27.00 -2.30 -8.24
N VAL A 148 -27.20 -3.58 -8.55
CA VAL A 148 -26.37 -4.24 -9.59
C VAL A 148 -27.30 -4.48 -10.77
N TYR A 149 -26.97 -3.95 -11.94
CA TYR A 149 -27.91 -4.04 -13.08
C TYR A 149 -27.26 -4.78 -14.24
N ILE A 150 -27.95 -5.76 -14.82
CA ILE A 150 -27.42 -6.44 -16.03
C ILE A 150 -27.90 -5.66 -17.25
N ASP A 151 -27.25 -5.83 -18.39
CA ASP A 151 -27.59 -5.21 -19.66
C ASP A 151 -27.27 -6.19 -20.78
N ASN A 152 -28.32 -6.62 -21.40
CA ASN A 152 -28.15 -7.71 -22.36
C ASN A 152 -28.25 -7.11 -23.72
N TYR A 153 -27.50 -7.66 -24.66
CA TYR A 153 -27.63 -7.30 -26.08
C TYR A 153 -27.42 -5.83 -26.35
N HIS A 154 -26.67 -5.22 -25.45
CA HIS A 154 -26.29 -3.81 -25.67
C HIS A 154 -24.77 -3.70 -25.69
N CYS A 155 -24.03 -4.64 -25.10
CA CYS A 155 -22.56 -4.52 -25.27
C CYS A 155 -22.38 -4.76 -26.76
N ASP A 156 -23.00 -5.83 -27.23
CA ASP A 156 -23.02 -6.07 -28.70
C ASP A 156 -24.25 -6.97 -28.72
N PRO A 157 -25.16 -7.15 -29.76
CA PRO A 157 -26.14 -8.18 -29.55
C PRO A 157 -25.36 -9.48 -29.81
N ASN A 158 -24.68 -10.04 -28.81
CA ASN A 158 -23.88 -11.25 -29.10
C ASN A 158 -24.05 -12.27 -27.96
N ASP A 159 -24.26 -13.56 -28.31
CA ASP A 159 -24.41 -14.62 -27.28
C ASP A 159 -23.11 -15.36 -26.93
N LYS A 160 -22.10 -15.29 -27.79
CA LYS A 160 -20.83 -16.04 -27.50
C LYS A 160 -19.92 -15.25 -26.59
N VAL A 161 -18.82 -15.84 -26.11
CA VAL A 161 -17.88 -15.16 -25.17
C VAL A 161 -17.28 -13.82 -25.59
N SER A 162 -17.27 -13.53 -26.90
CA SER A 162 -16.61 -12.27 -27.35
C SER A 162 -17.33 -11.09 -26.70
N CYS A 163 -18.67 -11.09 -26.73
CA CYS A 163 -19.40 -10.03 -25.98
C CYS A 163 -20.81 -10.51 -25.60
N PRO A 164 -20.99 -11.31 -24.53
CA PRO A 164 -22.32 -11.71 -24.08
C PRO A 164 -23.21 -10.60 -23.49
N ARG A 165 -22.67 -9.72 -22.65
CA ARG A 165 -23.47 -8.72 -21.93
C ARG A 165 -22.63 -7.69 -21.19
N THR A 166 -23.24 -6.71 -20.53
CA THR A 166 -22.51 -5.74 -19.68
C THR A 166 -23.21 -5.60 -18.33
N LEU A 167 -22.48 -5.50 -17.20
CA LEU A 167 -23.21 -5.26 -15.92
C LEU A 167 -22.85 -3.89 -15.36
N ILE A 168 -23.79 -3.22 -14.66
CA ILE A 168 -23.48 -1.88 -14.19
C ILE A 168 -23.71 -1.93 -12.70
N VAL A 169 -22.72 -1.78 -11.87
CA VAL A 169 -22.78 -1.85 -10.42
C VAL A 169 -22.77 -0.42 -9.90
N ARG A 170 -23.88 0.04 -9.34
CA ARG A 170 -24.02 1.41 -8.89
C ARG A 170 -24.02 1.41 -7.36
N HIS A 171 -23.07 2.15 -6.78
CA HIS A 171 -22.95 2.27 -5.33
C HIS A 171 -22.68 3.73 -5.01
N GLU A 172 -23.63 4.38 -4.34
CA GLU A 172 -23.53 5.79 -3.98
C GLU A 172 -23.28 6.66 -5.20
N THR A 173 -22.11 7.29 -5.21
CA THR A 173 -21.73 8.27 -6.25
C THR A 173 -21.07 7.59 -7.40
N GLN A 174 -20.82 6.30 -7.30
CA GLN A 174 -20.06 5.58 -8.30
C GLN A 174 -20.94 4.63 -9.10
N GLU A 175 -20.58 4.45 -10.37
CA GLU A 175 -21.10 3.35 -11.17
C GLU A 175 -19.94 2.73 -11.93
N VAL A 176 -19.90 1.40 -11.92
CA VAL A 176 -18.89 0.62 -12.64
C VAL A 176 -19.59 -0.13 -13.75
N LEU A 177 -19.22 0.15 -14.99
CA LEU A 177 -19.80 -0.49 -16.16
C LEU A 177 -18.75 -1.40 -16.75
N ILE A 178 -18.87 -2.70 -16.47
CA ILE A 178 -17.98 -3.71 -17.02
C ILE A 178 -18.54 -4.19 -18.34
N LYS A 179 -17.76 -3.96 -19.38
CA LYS A 179 -18.19 -4.37 -20.70
C LYS A 179 -17.03 -5.23 -21.05
N THR A 180 -17.24 -6.13 -22.02
CA THR A 180 -16.18 -7.01 -22.50
C THR A 180 -16.18 -6.94 -24.01
N VAL A 181 -15.06 -6.60 -24.65
CA VAL A 181 -15.11 -6.38 -26.12
C VAL A 181 -14.23 -7.55 -26.55
N HIS A 182 -14.69 -8.47 -27.42
CA HIS A 182 -13.96 -9.73 -27.77
C HIS A 182 -13.33 -10.51 -26.62
N MET A 183 -12.04 -10.81 -26.69
CA MET A 183 -11.49 -11.49 -25.50
C MET A 183 -11.14 -10.62 -24.23
N MET A 184 -11.19 -9.31 -24.44
CA MET A 184 -10.81 -8.36 -23.37
C MET A 184 -11.88 -7.51 -22.73
N PRO A 185 -12.36 -7.81 -21.53
CA PRO A 185 -13.30 -6.97 -20.90
C PRO A 185 -12.69 -5.71 -20.34
N MET A 186 -13.31 -4.61 -20.65
CA MET A 186 -12.89 -3.30 -20.16
C MET A 186 -13.98 -2.72 -19.26
N GLN A 187 -13.54 -1.89 -18.32
CA GLN A 187 -14.43 -1.25 -17.35
C GLN A 187 -14.40 0.26 -17.53
N VAL A 188 -15.58 0.87 -17.43
CA VAL A 188 -15.74 2.31 -17.46
C VAL A 188 -16.32 2.74 -16.11
N GLN A 189 -15.64 3.64 -15.43
CA GLN A 189 -16.06 4.11 -14.11
C GLN A 189 -16.61 5.52 -14.27
N VAL A 190 -17.92 5.65 -14.12
CA VAL A 190 -18.62 6.93 -14.26
C VAL A 190 -18.32 7.57 -15.60
N GLN A 195 -15.90 7.27 -17.67
CA GLN A 195 -14.52 7.24 -18.12
C GLN A 195 -13.82 5.95 -17.69
N ALA A 196 -12.94 5.45 -18.55
CA ALA A 196 -12.28 4.17 -18.32
C ALA A 196 -11.30 4.27 -17.16
N VAL A 197 -11.07 3.12 -16.52
CA VAL A 197 -10.15 3.02 -15.39
C VAL A 197 -9.32 1.75 -15.54
N ALA A 198 -8.36 1.58 -14.65
CA ALA A 198 -7.44 0.45 -14.68
C ALA A 198 -8.07 -0.74 -13.97
N LEU A 199 -7.30 -1.81 -13.86
CA LEU A 199 -7.84 -3.05 -13.31
C LEU A 199 -7.89 -3.00 -11.78
N PRO A 200 -6.79 -2.67 -11.06
CA PRO A 200 -6.95 -2.56 -9.59
C PRO A 200 -7.52 -1.22 -9.14
N TYR A 201 -8.76 -0.95 -9.51
CA TYR A 201 -9.40 0.31 -9.17
C TYR A 201 -9.85 0.28 -7.72
N LYS A 202 -9.79 1.44 -7.06
CA LYS A 202 -10.27 1.54 -5.68
C LYS A 202 -10.62 2.99 -5.39
N LYS A 203 -11.84 3.20 -4.90
CA LYS A 203 -12.30 4.56 -4.64
C LYS A 203 -13.56 4.52 -3.78
N TYR A 204 -13.57 5.33 -2.72
CA TYR A 204 -14.75 5.53 -1.87
C TYR A 204 -15.30 4.20 -1.36
N GLY A 205 -14.41 3.30 -0.94
CA GLY A 205 -14.81 2.04 -0.38
C GLY A 205 -15.29 1.02 -1.39
N LEU A 206 -15.16 1.29 -2.68
CA LEU A 206 -15.52 0.35 -3.73
C LEU A 206 -14.25 -0.07 -4.46
N GLU A 207 -14.04 -1.38 -4.59
CA GLU A 207 -12.81 -1.90 -5.17
C GLU A 207 -13.15 -2.78 -6.37
N VAL A 208 -12.29 -2.72 -7.38
CA VAL A 208 -12.38 -3.58 -8.56
C VAL A 208 -11.00 -4.17 -8.81
N TYR A 209 -10.96 -5.46 -9.02
CA TYR A 209 -9.70 -6.14 -9.36
C TYR A 209 -10.06 -7.28 -10.24
N GLN A 210 -9.13 -8.14 -10.51
CA GLN A 210 -9.47 -9.32 -11.30
C GLN A 210 -9.02 -10.51 -10.50
N SER A 211 -9.76 -11.58 -10.52
CA SER A 211 -9.29 -12.78 -9.84
C SER A 211 -9.48 -13.94 -10.78
N GLY A 212 -8.44 -14.63 -11.12
CA GLY A 212 -8.71 -15.71 -12.04
C GLY A 212 -9.22 -15.19 -13.35
N ILE A 213 -10.36 -15.70 -13.78
CA ILE A 213 -10.97 -15.26 -15.05
C ILE A 213 -12.06 -14.27 -14.72
N ASN A 214 -12.23 -13.94 -13.45
CA ASN A 214 -13.41 -13.12 -13.11
C ASN A 214 -13.01 -11.77 -12.57
N TYR A 215 -13.54 -10.72 -13.15
CA TYR A 215 -13.32 -9.33 -12.74
C TYR A 215 -14.21 -9.08 -11.55
N VAL A 216 -13.74 -8.68 -10.40
CA VAL A 216 -14.45 -8.61 -9.14
C VAL A 216 -14.66 -7.16 -8.76
N VAL A 217 -15.92 -6.78 -8.54
CA VAL A 217 -16.31 -5.51 -7.97
C VAL A 217 -16.87 -5.80 -6.59
N ASP A 218 -16.23 -5.27 -5.55
CA ASP A 218 -16.65 -5.58 -4.19
C ASP A 218 -16.73 -4.30 -3.36
N ILE A 219 -17.57 -4.38 -2.33
CA ILE A 219 -17.75 -3.31 -1.36
C ILE A 219 -17.46 -3.90 0.02
N PRO A 220 -16.23 -3.81 0.51
CA PRO A 220 -15.88 -4.47 1.77
C PRO A 220 -16.75 -4.03 2.94
N GLU A 221 -17.17 -2.77 2.98
CA GLU A 221 -18.04 -2.32 4.05
C GLU A 221 -19.38 -3.06 4.03
N LEU A 222 -19.94 -3.25 2.84
CA LEU A 222 -21.21 -3.94 2.69
C LEU A 222 -21.06 -5.45 2.55
N GLY A 223 -19.87 -5.94 2.22
CA GLY A 223 -19.69 -7.35 1.93
C GLY A 223 -20.17 -7.79 0.57
N VAL A 224 -20.60 -6.86 -0.28
CA VAL A 224 -21.11 -7.21 -1.60
C VAL A 224 -19.96 -7.64 -2.51
N LEU A 225 -20.13 -8.77 -3.18
CA LEU A 225 -19.18 -9.28 -4.16
C LEU A 225 -19.90 -9.46 -5.49
N VAL A 226 -19.27 -9.02 -6.58
CA VAL A 226 -19.85 -9.18 -7.91
C VAL A 226 -18.72 -9.60 -8.85
N SER A 227 -18.84 -10.74 -9.51
CA SER A 227 -17.74 -11.24 -10.36
C SER A 227 -18.20 -11.38 -11.80
N TYR A 228 -17.65 -10.65 -12.76
CA TYR A 228 -18.05 -10.87 -14.16
C TYR A 228 -16.95 -11.55 -14.92
N ASN A 229 -17.26 -12.63 -15.61
CA ASN A 229 -16.34 -13.30 -16.53
C ASN A 229 -17.18 -13.06 -17.75
N GLY A 230 -16.72 -13.28 -18.95
CA GLY A 230 -17.58 -12.91 -20.08
C GLY A 230 -18.89 -13.66 -20.10
N LEU A 231 -18.87 -14.95 -19.82
CA LEU A 231 -20.09 -15.75 -19.94
C LEU A 231 -20.84 -15.99 -18.65
N SER A 232 -20.59 -15.26 -17.58
CA SER A 232 -21.20 -15.53 -16.29
C SER A 232 -21.16 -14.41 -15.30
N PHE A 233 -22.09 -14.29 -14.34
CA PHE A 233 -21.73 -13.33 -13.31
C PHE A 233 -22.13 -14.01 -12.06
N SER A 234 -21.75 -13.49 -10.94
CA SER A 234 -22.14 -14.00 -9.63
C SER A 234 -22.19 -12.85 -8.64
N VAL A 235 -23.29 -12.78 -7.89
CA VAL A 235 -23.50 -11.75 -6.88
C VAL A 235 -23.61 -12.45 -5.52
N ARG A 236 -22.75 -12.05 -4.59
CA ARG A 236 -22.71 -12.61 -3.24
C ARG A 236 -23.02 -11.51 -2.24
N LEU A 237 -24.03 -11.75 -1.40
CA LEU A 237 -24.50 -10.81 -0.40
C LEU A 237 -24.59 -11.50 0.96
N PRO A 238 -24.06 -10.89 2.01
CA PRO A 238 -24.25 -11.44 3.35
C PRO A 238 -25.72 -11.41 3.76
N TYR A 239 -26.18 -12.43 4.49
CA TYR A 239 -27.61 -12.50 4.84
C TYR A 239 -27.95 -11.39 5.83
N HIS A 240 -27.21 -11.23 6.91
CA HIS A 240 -27.65 -10.25 7.90
C HIS A 240 -27.79 -8.86 7.30
N ARG A 241 -26.82 -8.49 6.45
CA ARG A 241 -26.84 -7.12 5.88
C ARG A 241 -27.99 -7.00 4.88
N PHE A 242 -28.27 -8.07 4.13
CA PHE A 242 -29.33 -8.02 3.08
C PHE A 242 -30.27 -9.21 3.25
N GLY A 243 -31.03 -9.24 4.35
CA GLY A 243 -31.96 -10.35 4.61
C GLY A 243 -33.38 -9.96 4.26
N ASN A 244 -33.97 -10.63 3.27
CA ASN A 244 -35.36 -10.33 2.82
C ASN A 244 -35.47 -8.82 2.59
N ASN A 245 -34.40 -8.20 2.05
CA ASN A 245 -34.44 -6.77 1.69
C ASN A 245 -34.09 -6.67 0.20
N THR A 246 -33.66 -7.78 -0.41
CA THR A 246 -33.22 -7.76 -1.83
C THR A 246 -34.42 -7.84 -2.78
N LYS A 247 -34.20 -7.54 -4.05
CA LYS A 247 -35.28 -7.62 -5.06
C LYS A 247 -34.66 -7.58 -6.45
N GLY A 248 -35.37 -8.04 -7.47
CA GLY A 248 -34.85 -8.05 -8.82
C GLY A 248 -34.91 -9.44 -9.41
N GLN A 249 -34.16 -9.64 -10.49
CA GLN A 249 -34.15 -10.94 -11.15
C GLN A 249 -33.46 -12.01 -10.32
N CYS A 250 -32.68 -11.62 -9.32
CA CYS A 250 -32.03 -12.59 -8.44
C CYS A 250 -32.91 -12.99 -7.27
N GLY A 251 -34.12 -12.42 -7.20
CA GLY A 251 -35.08 -12.88 -6.17
C GLY A 251 -34.80 -12.40 -4.76
N THR A 252 -35.59 -12.85 -3.80
CA THR A 252 -35.44 -12.37 -2.40
C THR A 252 -34.63 -13.41 -1.61
N CYS A 253 -33.64 -12.94 -0.85
CA CYS A 253 -32.76 -13.88 -0.10
C CYS A 253 -33.40 -14.24 1.23
N THR A 254 -34.40 -15.13 1.21
CA THR A 254 -35.11 -15.51 2.45
C THR A 254 -34.73 -16.94 2.82
N ASN A 255 -33.79 -17.53 2.07
CA ASN A 255 -33.39 -18.95 2.33
C ASN A 255 -34.53 -19.85 1.85
N THR A 256 -35.61 -19.27 1.31
CA THR A 256 -36.72 -20.09 0.76
C THR A 256 -36.89 -19.77 -0.72
N THR A 257 -36.97 -20.80 -1.56
CA THR A 257 -37.12 -20.60 -3.03
C THR A 257 -38.50 -20.02 -3.32
N SER A 258 -39.51 -20.44 -2.58
CA SER A 258 -40.91 -20.00 -2.85
C SER A 258 -41.05 -18.50 -3.04
N ASP A 259 -40.61 -17.69 -2.06
CA ASP A 259 -40.89 -16.22 -2.14
C ASP A 259 -39.86 -15.49 -2.98
N ASP A 260 -38.95 -16.21 -3.64
CA ASP A 260 -37.85 -15.53 -4.36
C ASP A 260 -38.41 -14.61 -5.44
N CYS A 261 -39.42 -15.06 -6.17
CA CYS A 261 -39.87 -14.26 -7.33
C CYS A 261 -40.91 -13.20 -6.98
N ILE A 262 -40.49 -11.93 -7.06
CA ILE A 262 -41.43 -10.82 -6.75
C ILE A 262 -41.38 -9.92 -7.99
N LEU A 263 -42.48 -9.24 -8.29
CA LEU A 263 -42.47 -8.23 -9.37
C LEU A 263 -41.93 -6.95 -8.72
N PRO A 264 -41.57 -5.85 -9.43
CA PRO A 264 -41.17 -4.61 -8.75
C PRO A 264 -42.08 -4.30 -7.55
N SER A 265 -43.39 -4.16 -7.80
CA SER A 265 -44.35 -3.96 -6.67
C SER A 265 -44.39 -5.26 -5.87
N GLY A 266 -44.51 -5.20 -4.54
CA GLY A 266 -44.42 -6.46 -3.78
C GLY A 266 -45.47 -7.43 -4.26
N GLU A 267 -45.05 -8.61 -4.71
CA GLU A 267 -45.98 -9.63 -5.24
C GLU A 267 -45.29 -10.99 -5.21
N ILE A 268 -46.03 -12.09 -5.26
CA ILE A 268 -45.36 -13.43 -5.37
C ILE A 268 -45.97 -14.04 -6.63
N VAL A 269 -45.14 -14.37 -7.62
CA VAL A 269 -45.67 -14.94 -8.88
C VAL A 269 -44.77 -16.17 -8.98
N SER A 270 -45.36 -17.34 -9.21
CA SER A 270 -44.52 -18.58 -9.32
C SER A 270 -43.62 -18.80 -10.59
N ASN A 271 -44.03 -18.13 -11.67
CA ASN A 271 -43.25 -18.21 -12.92
C ASN A 271 -42.22 -17.13 -12.69
N CYS A 272 -41.04 -17.51 -12.22
CA CYS A 272 -39.99 -16.48 -12.09
C CYS A 272 -39.62 -15.95 -13.46
N GLU A 273 -39.62 -16.81 -14.45
CA GLU A 273 -39.30 -16.36 -15.80
C GLU A 273 -40.22 -15.23 -16.17
N ALA A 274 -41.53 -15.39 -15.96
CA ALA A 274 -42.31 -14.29 -16.49
C ALA A 274 -42.09 -12.99 -15.72
N ALA A 275 -41.94 -13.07 -14.40
CA ALA A 275 -41.74 -11.87 -13.60
C ALA A 275 -40.43 -11.18 -13.94
N ALA A 276 -39.52 -11.85 -14.56
CA ALA A 276 -38.23 -11.17 -14.78
C ALA A 276 -38.39 -9.98 -15.69
N ASP A 277 -39.34 -10.01 -16.60
CA ASP A 277 -39.48 -8.90 -17.58
C ASP A 277 -39.88 -7.63 -16.86
N GLN A 278 -40.69 -7.75 -15.82
CA GLN A 278 -41.19 -6.58 -15.09
C GLN A 278 -40.02 -5.77 -14.56
N TRP A 279 -38.96 -6.39 -14.08
CA TRP A 279 -37.83 -5.55 -13.67
C TRP A 279 -37.07 -5.15 -14.93
N LEU A 280 -37.22 -3.92 -15.42
CA LEU A 280 -36.48 -3.43 -16.58
C LEU A 280 -36.12 -2.07 -16.06
N VAL A 281 -34.89 -1.62 -16.18
CA VAL A 281 -34.65 -0.26 -15.64
C VAL A 281 -34.57 0.51 -16.93
N ASN A 282 -35.30 1.61 -17.02
CA ASN A 282 -35.32 2.39 -18.28
C ASN A 282 -34.66 3.71 -17.93
N ASP A 283 -33.87 4.32 -18.83
CA ASP A 283 -33.10 5.53 -18.48
C ASP A 283 -33.08 6.27 -19.80
N PRO A 284 -32.48 7.47 -19.91
CA PRO A 284 -32.32 8.12 -21.21
C PRO A 284 -31.53 7.26 -22.19
N SER A 285 -30.57 6.46 -21.73
CA SER A 285 -29.89 5.54 -22.67
C SER A 285 -30.93 4.57 -23.17
N LYS A 286 -30.93 4.29 -24.48
CA LYS A 286 -31.92 3.38 -25.14
C LYS A 286 -33.33 3.57 -24.61
N PRO A 287 -33.97 4.75 -24.72
CA PRO A 287 -35.25 4.97 -24.07
C PRO A 287 -36.42 4.27 -24.78
N HIS A 288 -36.20 3.75 -25.98
CA HIS A 288 -37.23 3.08 -26.81
C HIS A 288 -37.33 1.61 -26.43
N CYS A 289 -36.52 1.18 -25.48
CA CYS A 289 -36.48 -0.24 -25.08
C CYS A 289 -37.88 -0.71 -24.70
N PRO A 290 -38.35 -1.85 -25.25
CA PRO A 290 -39.67 -2.39 -24.94
C PRO A 290 -40.10 -2.35 -23.47
N ASP A 314 -31.94 -32.41 -35.54
CA ASP A 314 -32.55 -31.88 -34.32
C ASP A 314 -31.48 -31.49 -33.30
N CYS A 315 -31.89 -31.38 -32.04
CA CYS A 315 -30.98 -31.00 -30.97
C CYS A 315 -30.25 -32.23 -30.46
N THR A 316 -29.04 -32.45 -30.98
CA THR A 316 -28.27 -33.64 -30.65
C THR A 316 -27.71 -33.55 -29.24
N PRO A 317 -27.92 -34.55 -28.40
CA PRO A 317 -27.32 -34.52 -27.05
C PRO A 317 -25.82 -34.77 -27.12
N SER A 318 -25.07 -33.70 -27.40
CA SER A 318 -23.64 -33.82 -27.58
C SER A 318 -22.96 -34.29 -26.29
N PRO A 319 -21.90 -35.10 -26.40
CA PRO A 319 -21.18 -35.55 -25.20
C PRO A 319 -20.60 -34.42 -24.38
N LEU A 320 -20.42 -33.24 -24.96
CA LEU A 320 -19.86 -32.12 -24.23
C LEU A 320 -20.74 -31.78 -23.03
N CYS A 321 -22.06 -31.80 -23.21
CA CYS A 321 -22.95 -31.64 -22.07
C CYS A 321 -22.94 -32.89 -21.20
N GLN A 322 -22.74 -34.06 -21.80
CA GLN A 322 -22.61 -35.30 -21.04
C GLN A 322 -21.42 -35.26 -20.07
N LEU A 323 -20.45 -34.39 -20.33
CA LEU A 323 -19.33 -34.24 -19.40
C LEU A 323 -19.75 -33.87 -17.98
N ILE A 324 -20.89 -33.20 -17.84
CA ILE A 324 -21.39 -32.86 -16.51
C ILE A 324 -21.66 -34.11 -15.70
N LYS A 325 -22.33 -35.09 -16.31
CA LYS A 325 -22.70 -36.32 -15.61
C LYS A 325 -21.58 -37.35 -15.58
N ASP A 326 -20.46 -37.08 -16.23
CA ASP A 326 -19.35 -38.02 -16.26
C ASP A 326 -18.71 -38.13 -14.88
N SER A 327 -17.85 -39.16 -14.74
CA SER A 327 -17.19 -39.41 -13.47
C SER A 327 -16.18 -38.32 -13.10
N LEU A 328 -15.85 -37.44 -14.04
CA LEU A 328 -14.92 -36.36 -13.73
C LEU A 328 -15.46 -35.45 -12.65
N PHE A 329 -16.76 -35.14 -12.71
CA PHE A 329 -17.41 -34.29 -11.72
C PHE A 329 -18.06 -35.07 -10.59
N ALA A 330 -17.49 -36.23 -10.23
CA ALA A 330 -18.09 -37.07 -9.20
C ALA A 330 -18.16 -36.35 -7.85
N GLN A 331 -17.09 -35.64 -7.48
CA GLN A 331 -17.13 -34.86 -6.25
C GLN A 331 -18.14 -33.72 -6.34
N CYS A 332 -18.41 -33.24 -7.55
CA CYS A 332 -19.36 -32.15 -7.74
C CYS A 332 -20.81 -32.61 -7.64
N HIS A 333 -21.12 -33.85 -8.02
CA HIS A 333 -22.49 -34.33 -7.92
C HIS A 333 -23.00 -34.32 -6.50
N ALA A 334 -22.11 -34.36 -5.51
CA ALA A 334 -22.45 -34.13 -4.12
C ALA A 334 -22.11 -32.69 -3.75
N LEU A 335 -22.90 -32.14 -2.80
CA LEU A 335 -22.71 -30.80 -2.28
C LEU A 335 -23.12 -29.73 -3.29
N VAL A 336 -23.40 -30.14 -4.52
CA VAL A 336 -23.83 -29.24 -5.58
C VAL A 336 -24.79 -29.99 -6.50
N PRO A 337 -26.02 -29.54 -6.67
CA PRO A 337 -26.95 -30.21 -7.59
C PRO A 337 -26.60 -29.88 -9.03
N PRO A 338 -26.35 -30.91 -9.86
CA PRO A 338 -25.99 -30.67 -11.27
C PRO A 338 -27.15 -30.70 -12.25
N GLN A 339 -28.39 -30.88 -11.79
CA GLN A 339 -29.52 -30.97 -12.71
C GLN A 339 -29.70 -29.68 -13.50
N HIS A 340 -29.64 -28.53 -12.82
CA HIS A 340 -29.86 -27.26 -13.49
C HIS A 340 -28.81 -27.01 -14.57
N TYR A 341 -27.54 -27.26 -14.25
CA TYR A 341 -26.48 -27.00 -15.21
C TYR A 341 -26.54 -27.95 -16.40
N TYR A 342 -26.85 -29.23 -16.15
CA TYR A 342 -27.00 -30.17 -17.25
C TYR A 342 -28.15 -29.78 -18.16
N ASP A 343 -29.28 -29.39 -17.58
CA ASP A 343 -30.42 -28.95 -18.39
C ASP A 343 -30.08 -27.69 -19.17
N ALA A 344 -29.34 -26.77 -18.54
CA ALA A 344 -28.95 -25.55 -19.24
C ALA A 344 -28.02 -25.86 -20.41
N CYS A 345 -27.08 -26.79 -20.22
CA CYS A 345 -26.21 -27.18 -21.32
C CYS A 345 -27.02 -27.79 -22.46
N VAL A 346 -27.97 -28.66 -22.12
CA VAL A 346 -28.81 -29.29 -23.15
C VAL A 346 -29.59 -28.24 -23.91
N PHE A 347 -30.18 -27.28 -23.19
CA PHE A 347 -30.96 -26.23 -23.83
C PHE A 347 -30.08 -25.34 -24.70
N ASP A 348 -28.87 -25.02 -24.24
CA ASP A 348 -27.97 -24.19 -25.03
C ASP A 348 -27.54 -24.92 -26.30
N SER A 349 -27.29 -26.23 -26.21
CA SER A 349 -26.99 -27.00 -27.41
C SER A 349 -28.19 -27.01 -28.36
N CYS A 350 -29.40 -27.11 -27.81
CA CYS A 350 -30.60 -27.13 -28.63
C CYS A 350 -30.90 -25.78 -29.27
N PHE A 351 -30.44 -24.68 -28.66
CA PHE A 351 -30.77 -23.35 -29.18
C PHE A 351 -30.09 -23.13 -30.53
N MET A 352 -28.80 -23.46 -30.63
CA MET A 352 -28.19 -23.84 -31.90
C MET A 352 -26.97 -24.72 -31.61
N PRO A 353 -26.89 -25.90 -32.21
CA PRO A 353 -25.71 -26.75 -32.01
C PRO A 353 -24.49 -26.22 -32.75
N GLY A 354 -23.33 -26.68 -32.32
CA GLY A 354 -22.08 -26.35 -32.99
C GLY A 354 -21.68 -24.89 -32.91
N SER A 355 -21.73 -24.33 -31.68
CA SER A 355 -21.35 -22.91 -31.41
C SER A 355 -20.67 -22.80 -30.04
N SER A 356 -20.48 -23.91 -29.33
CA SER A 356 -19.80 -23.95 -28.01
C SER A 356 -20.39 -22.95 -27.06
N LEU A 357 -21.71 -22.93 -26.96
CA LEU A 357 -22.38 -22.06 -25.98
C LEU A 357 -22.64 -22.95 -24.80
N GLU A 358 -22.16 -24.16 -24.88
CA GLU A 358 -22.44 -25.20 -23.90
C GLU A 358 -21.27 -25.25 -22.97
N CYS A 359 -20.31 -24.40 -23.21
CA CYS A 359 -19.16 -24.53 -22.32
C CYS A 359 -19.34 -23.44 -21.32
N ALA A 360 -20.44 -22.76 -21.39
CA ALA A 360 -20.63 -21.81 -20.31
C ALA A 360 -21.17 -22.61 -19.14
N SER A 361 -21.96 -23.67 -19.36
CA SER A 361 -22.53 -24.29 -18.16
C SER A 361 -21.46 -25.07 -17.41
N LEU A 362 -20.58 -25.77 -18.13
CA LEU A 362 -19.45 -26.45 -17.49
C LEU A 362 -18.60 -25.48 -16.69
N GLN A 363 -18.46 -24.27 -17.24
CA GLN A 363 -17.55 -23.28 -16.61
C GLN A 363 -18.12 -22.92 -15.27
N ALA A 364 -19.40 -22.63 -15.23
CA ALA A 364 -20.02 -22.18 -13.98
C ALA A 364 -20.20 -23.32 -13.00
N TYR A 365 -20.42 -24.53 -13.50
CA TYR A 365 -20.45 -25.69 -12.61
C TYR A 365 -19.11 -25.86 -11.92
N ALA A 366 -18.01 -25.73 -12.67
CA ALA A 366 -16.68 -25.81 -12.07
C ALA A 366 -16.43 -24.65 -11.13
N ALA A 367 -16.91 -23.45 -11.48
CA ALA A 367 -16.73 -22.30 -10.60
C ALA A 367 -17.45 -22.50 -9.28
N LEU A 368 -18.68 -23.02 -9.31
CA LEU A 368 -19.41 -23.29 -8.08
C LEU A 368 -18.73 -24.40 -7.29
N CYS A 369 -18.21 -25.42 -7.96
CA CYS A 369 -17.50 -26.48 -7.25
C CYS A 369 -16.26 -25.93 -6.55
N ALA A 370 -15.52 -25.06 -7.23
CA ALA A 370 -14.38 -24.41 -6.59
C ALA A 370 -14.81 -23.54 -5.42
N GLN A 371 -16.03 -23.02 -5.49
CA GLN A 371 -16.48 -22.24 -4.32
C GLN A 371 -16.66 -23.21 -3.18
N GLN A 372 -17.00 -24.45 -3.48
CA GLN A 372 -17.28 -25.43 -2.41
C GLN A 372 -16.02 -26.28 -2.19
N ASN A 373 -14.88 -25.90 -2.76
CA ASN A 373 -13.56 -26.52 -2.55
C ASN A 373 -13.28 -27.71 -3.46
N ILE A 374 -14.21 -28.18 -4.27
CA ILE A 374 -13.87 -29.38 -5.09
C ILE A 374 -13.35 -28.99 -6.48
N CYS A 375 -12.25 -28.24 -6.55
CA CYS A 375 -11.75 -27.70 -7.84
C CYS A 375 -11.29 -28.76 -8.80
N LEU A 376 -11.73 -28.68 -10.04
CA LEU A 376 -11.40 -29.72 -11.03
C LEU A 376 -10.97 -29.06 -12.35
N ASP A 377 -10.30 -29.78 -13.25
CA ASP A 377 -10.02 -29.20 -14.58
C ASP A 377 -11.08 -29.73 -15.48
N TRP A 378 -11.70 -28.85 -16.22
CA TRP A 378 -12.74 -29.28 -17.15
C TRP A 378 -12.25 -29.07 -18.56
N ARG A 379 -11.42 -28.07 -18.76
CA ARG A 379 -11.04 -27.69 -20.12
C ARG A 379 -10.21 -28.76 -20.74
N ASN A 380 -9.41 -29.43 -19.93
CA ASN A 380 -8.52 -30.41 -20.58
C ASN A 380 -9.34 -31.51 -21.22
N HIS A 381 -10.40 -31.92 -20.54
CA HIS A 381 -11.17 -33.05 -21.06
C HIS A 381 -12.26 -32.49 -21.91
N THR A 382 -12.19 -31.23 -22.28
CA THR A 382 -13.24 -30.78 -23.20
C THR A 382 -12.80 -31.04 -24.61
N HIS A 383 -11.62 -31.62 -24.77
CA HIS A 383 -11.15 -32.01 -26.12
C HIS A 383 -11.11 -30.76 -26.99
N GLY A 384 -10.51 -29.71 -26.44
CA GLY A 384 -10.27 -28.51 -27.24
C GLY A 384 -11.50 -27.71 -27.53
N ALA A 385 -12.54 -27.87 -26.74
CA ALA A 385 -13.66 -27.01 -27.12
C ALA A 385 -13.54 -25.68 -26.43
N CYS A 386 -13.39 -25.69 -25.13
CA CYS A 386 -13.39 -24.36 -24.49
C CYS A 386 -12.10 -24.19 -23.73
N LEU A 387 -11.27 -23.25 -24.17
CA LEU A 387 -9.96 -23.02 -23.56
C LEU A 387 -9.70 -21.58 -23.24
N VAL A 388 -8.80 -21.27 -22.32
CA VAL A 388 -8.70 -19.85 -21.93
C VAL A 388 -7.67 -19.24 -22.86
N GLU A 389 -7.59 -17.91 -22.86
CA GLU A 389 -6.53 -17.22 -23.60
C GLU A 389 -5.98 -16.01 -22.86
N CYS A 390 -4.69 -15.77 -22.87
CA CYS A 390 -3.81 -14.76 -22.32
C CYS A 390 -2.43 -14.93 -22.96
N PRO A 391 -1.63 -13.87 -22.99
CA PRO A 391 -0.37 -13.91 -23.76
C PRO A 391 0.58 -14.99 -23.24
N SER A 392 1.67 -15.16 -23.99
CA SER A 392 2.55 -16.31 -23.80
C SER A 392 3.20 -16.34 -22.43
N HIS A 393 3.41 -15.17 -21.82
CA HIS A 393 4.06 -15.14 -20.52
C HIS A 393 3.18 -15.69 -19.41
N ARG A 394 1.90 -15.95 -19.69
CA ARG A 394 0.98 -16.54 -18.72
C ARG A 394 0.58 -17.92 -19.19
N GLU A 395 0.62 -18.88 -18.27
CA GLU A 395 0.22 -20.26 -18.54
C GLU A 395 -1.07 -20.56 -17.78
N TYR A 396 -2.00 -21.38 -18.29
CA TYR A 396 -3.29 -21.70 -17.60
C TYR A 396 -3.14 -22.66 -16.45
N GLN A 397 -3.32 -22.23 -15.22
CA GLN A 397 -3.30 -23.23 -14.14
C GLN A 397 -4.69 -23.31 -13.59
N ALA A 398 -5.37 -24.43 -13.74
CA ALA A 398 -6.79 -24.57 -13.34
C ALA A 398 -7.08 -24.45 -11.86
N CYS A 399 -6.10 -24.48 -10.98
CA CYS A 399 -6.47 -24.41 -9.56
C CYS A 399 -5.42 -23.58 -8.87
N GLY A 400 -5.50 -22.28 -9.02
CA GLY A 400 -4.42 -21.46 -8.51
C GLY A 400 -4.90 -20.33 -7.68
N PRO A 401 -4.01 -19.57 -7.09
CA PRO A 401 -4.42 -18.57 -6.18
C PRO A 401 -5.36 -17.47 -6.63
N ALA A 402 -6.36 -17.18 -5.83
CA ALA A 402 -7.28 -16.10 -6.19
C ALA A 402 -6.54 -14.79 -6.15
N GLU A 403 -5.75 -14.57 -5.12
CA GLU A 403 -4.95 -13.34 -5.18
C GLU A 403 -3.57 -13.78 -5.59
N GLU A 404 -3.06 -13.28 -6.69
CA GLU A 404 -1.79 -13.78 -7.19
C GLU A 404 -0.70 -13.37 -6.25
N PRO A 405 0.26 -14.24 -5.98
CA PRO A 405 1.37 -13.84 -5.20
C PRO A 405 2.06 -12.78 -6.04
N THR A 406 2.14 -11.55 -5.56
CA THR A 406 2.71 -10.49 -6.39
C THR A 406 3.92 -10.00 -5.68
N CYS A 407 4.99 -9.69 -6.39
CA CYS A 407 6.19 -9.35 -5.65
C CYS A 407 6.00 -8.09 -4.81
N LYS A 408 5.51 -7.06 -5.43
CA LYS A 408 5.22 -5.88 -4.60
C LYS A 408 4.02 -6.34 -3.84
N SER A 409 4.02 -6.13 -2.55
CA SER A 409 2.89 -6.53 -1.68
C SER A 409 2.82 -8.04 -1.58
N SER A 410 3.97 -8.66 -1.49
CA SER A 410 3.90 -10.09 -1.12
C SER A 410 3.88 -9.98 0.39
N SER A 411 2.70 -9.89 0.98
CA SER A 411 2.61 -9.67 2.42
C SER A 411 1.94 -10.92 2.96
N SER A 412 2.15 -12.08 2.31
CA SER A 412 1.42 -13.33 2.62
C SER A 412 -0.05 -12.95 2.58
N GLN A 413 -0.49 -12.40 1.44
CA GLN A 413 -1.84 -11.83 1.34
C GLN A 413 -2.82 -12.88 1.80
N GLN A 414 -3.54 -12.59 2.89
CA GLN A 414 -4.38 -13.68 3.39
C GLN A 414 -5.80 -13.50 2.88
N ASN A 415 -6.25 -14.49 2.16
CA ASN A 415 -7.58 -14.47 1.48
C ASN A 415 -8.12 -15.90 1.59
N ASN A 416 -9.39 -16.12 1.22
CA ASN A 416 -9.94 -17.50 1.18
C ASN A 416 -9.00 -18.39 0.36
N THR A 417 -8.51 -19.48 0.96
CA THR A 417 -7.66 -20.41 0.21
C THR A 417 -8.57 -21.44 -0.46
N VAL A 418 -9.24 -21.04 -1.53
CA VAL A 418 -10.02 -21.93 -2.40
C VAL A 418 -9.44 -21.48 -3.71
N LEU A 419 -8.96 -22.41 -4.49
CA LEU A 419 -8.20 -21.91 -5.62
C LEU A 419 -9.10 -21.74 -6.83
N VAL A 420 -8.91 -20.67 -7.58
CA VAL A 420 -9.73 -20.33 -8.76
C VAL A 420 -8.97 -20.78 -9.99
N GLU A 421 -9.66 -20.79 -11.13
CA GLU A 421 -9.08 -21.22 -12.41
C GLU A 421 -8.60 -19.94 -13.01
N GLY A 422 -7.83 -20.01 -14.07
CA GLY A 422 -7.30 -18.76 -14.58
C GLY A 422 -5.89 -19.03 -14.92
N CYS A 423 -5.26 -18.13 -15.60
CA CYS A 423 -3.88 -18.27 -16.07
C CYS A 423 -2.98 -17.33 -15.29
N PHE A 424 -1.84 -17.85 -14.88
CA PHE A 424 -0.92 -17.13 -14.01
C PHE A 424 0.49 -17.21 -14.59
N CYS A 425 1.40 -16.45 -14.01
CA CYS A 425 2.79 -16.54 -14.40
C CYS A 425 3.35 -17.91 -14.00
N PRO A 426 4.36 -18.40 -14.71
CA PRO A 426 4.92 -19.72 -14.40
C PRO A 426 5.42 -19.80 -12.96
N GLU A 427 5.59 -21.04 -12.50
CA GLU A 427 5.94 -21.28 -11.10
C GLU A 427 7.28 -20.65 -10.74
N GLY A 428 8.22 -20.61 -11.68
CA GLY A 428 9.50 -19.98 -11.39
C GLY A 428 9.38 -18.49 -11.14
N THR A 429 8.57 -17.80 -11.93
CA THR A 429 8.41 -16.37 -11.84
C THR A 429 7.18 -16.02 -11.01
N MET A 430 6.87 -14.73 -10.92
CA MET A 430 5.67 -14.26 -10.24
C MET A 430 5.29 -12.90 -10.80
N ASN A 431 4.04 -12.51 -10.57
CA ASN A 431 3.58 -11.22 -11.00
C ASN A 431 4.33 -10.12 -10.27
N TYR A 432 4.63 -9.04 -10.99
CA TYR A 432 5.42 -7.95 -10.42
C TYR A 432 4.64 -7.17 -9.38
N ALA A 433 3.53 -6.57 -9.79
CA ALA A 433 2.73 -5.72 -8.91
C ALA A 433 1.30 -5.69 -9.44
N PRO A 434 0.33 -5.34 -8.60
CA PRO A 434 -1.03 -5.18 -9.09
C PRO A 434 -1.09 -4.11 -10.18
N GLY A 435 -1.89 -4.37 -11.21
CA GLY A 435 -1.95 -3.50 -12.36
C GLY A 435 -0.87 -3.75 -13.39
N PHE A 436 0.10 -4.60 -13.10
CA PHE A 436 1.17 -4.94 -14.02
C PHE A 436 0.98 -6.37 -14.51
N ASP A 437 1.65 -6.70 -15.60
CA ASP A 437 1.52 -8.01 -16.21
C ASP A 437 2.80 -8.79 -16.48
N VAL A 438 3.92 -8.14 -16.21
CA VAL A 438 5.22 -8.75 -16.47
C VAL A 438 5.53 -9.71 -15.34
N CYS A 439 5.88 -10.92 -15.70
CA CYS A 439 6.15 -11.95 -14.70
C CYS A 439 7.58 -11.87 -14.25
N VAL A 440 7.84 -11.12 -13.21
CA VAL A 440 9.26 -10.95 -12.83
C VAL A 440 9.80 -12.19 -12.19
N LYS A 441 11.03 -12.49 -12.49
CA LYS A 441 11.71 -13.56 -11.74
C LYS A 441 12.45 -12.71 -10.76
N THR A 442 12.73 -13.21 -9.59
CA THR A 442 13.32 -12.35 -8.52
C THR A 442 12.38 -11.18 -8.30
N CYS A 443 12.94 -9.99 -8.14
CA CYS A 443 12.09 -8.80 -8.04
C CYS A 443 12.90 -7.69 -8.67
N GLY A 444 12.31 -6.52 -8.82
CA GLY A 444 13.01 -5.46 -9.54
C GLY A 444 12.06 -4.32 -9.65
N CYS A 445 12.30 -3.39 -10.56
CA CYS A 445 11.33 -2.33 -10.80
C CYS A 445 10.80 -2.67 -12.17
N VAL A 446 9.61 -2.24 -12.55
CA VAL A 446 9.18 -2.39 -13.97
C VAL A 446 8.74 -0.99 -14.41
N GLY A 447 9.12 -0.54 -15.61
CA GLY A 447 8.84 0.85 -16.00
C GLY A 447 7.46 1.05 -16.58
N PRO A 448 7.10 2.24 -17.08
CA PRO A 448 5.82 2.43 -17.74
C PRO A 448 5.91 1.43 -18.90
N ASP A 449 7.06 1.36 -19.56
CA ASP A 449 7.25 0.30 -20.58
C ASP A 449 7.29 -1.01 -19.79
N ASN A 450 6.64 -2.06 -20.27
CA ASN A 450 6.57 -3.30 -19.44
C ASN A 450 7.90 -4.06 -19.58
N VAL A 451 8.98 -3.50 -19.04
CA VAL A 451 10.31 -4.18 -19.09
C VAL A 451 10.76 -4.44 -17.66
N PRO A 452 11.12 -5.70 -17.30
CA PRO A 452 11.61 -6.01 -15.96
C PRO A 452 12.92 -5.27 -15.72
N ARG A 453 13.16 -4.82 -14.49
CA ARG A 453 14.44 -4.14 -14.15
C ARG A 453 15.05 -4.80 -12.91
N GLU A 454 16.36 -4.67 -12.75
CA GLU A 454 17.05 -5.24 -11.59
C GLU A 454 17.46 -4.14 -10.62
N PHE A 455 17.52 -4.51 -9.35
CA PHE A 455 17.96 -3.58 -8.32
C PHE A 455 19.39 -3.15 -8.60
N GLY A 456 19.64 -1.84 -8.52
CA GLY A 456 20.96 -1.31 -8.81
C GLY A 456 21.38 -1.46 -10.26
N GLU A 457 20.48 -1.22 -11.20
CA GLU A 457 20.75 -1.35 -12.62
C GLU A 457 20.55 -0.01 -13.29
N HIS A 458 21.50 0.39 -14.14
CA HIS A 458 21.47 1.65 -14.85
C HIS A 458 21.04 1.40 -16.29
N PHE A 459 20.01 2.12 -16.74
CA PHE A 459 19.56 2.05 -18.13
C PHE A 459 19.29 3.47 -18.64
N GLU A 460 18.77 3.52 -19.84
CA GLU A 460 18.58 4.82 -20.49
C GLU A 460 17.19 4.76 -21.05
N PHE A 461 16.29 5.49 -20.43
CA PHE A 461 14.89 5.36 -20.86
C PHE A 461 14.29 6.74 -20.94
N ASP A 462 13.54 7.03 -21.99
CA ASP A 462 12.95 8.37 -22.21
C ASP A 462 14.04 9.41 -22.14
N CYS A 463 15.18 9.16 -22.76
CA CYS A 463 16.26 10.17 -22.84
C CYS A 463 16.69 10.78 -21.51
N LYS A 464 16.79 9.96 -20.48
CA LYS A 464 17.20 10.44 -19.17
C LYS A 464 17.95 9.27 -18.59
N ASN A 465 19.05 9.54 -17.92
CA ASN A 465 19.71 8.40 -17.28
C ASN A 465 18.84 7.95 -16.13
N CYS A 466 18.62 6.67 -15.96
CA CYS A 466 17.71 6.05 -15.01
C CYS A 466 18.39 4.91 -14.28
N VAL A 467 18.05 4.77 -13.00
CA VAL A 467 18.57 3.71 -12.15
C VAL A 467 17.39 3.05 -11.45
N CYS A 468 17.39 1.71 -11.43
CA CYS A 468 16.40 0.95 -10.69
C CYS A 468 17.01 0.56 -9.34
N LEU A 469 16.54 1.20 -8.28
CA LEU A 469 17.02 0.94 -6.94
C LEU A 469 15.82 0.85 -6.00
N GLU A 470 15.91 -0.08 -5.05
CA GLU A 470 14.79 -0.38 -4.17
C GLU A 470 14.45 0.80 -3.28
N GLY A 471 13.17 1.03 -3.11
CA GLY A 471 12.72 2.14 -2.27
C GLY A 471 11.39 2.61 -2.71
N GLY A 472 11.30 3.87 -3.06
CA GLY A 472 10.03 4.43 -3.48
C GLY A 472 10.24 4.99 -4.84
N SER A 473 9.29 4.80 -5.75
CA SER A 473 9.45 5.17 -7.16
C SER A 473 10.74 4.56 -7.62
N GLY A 474 10.83 3.24 -7.69
CA GLY A 474 12.13 2.61 -7.93
C GLY A 474 12.86 3.15 -9.12
N ILE A 475 12.20 3.45 -10.21
CA ILE A 475 12.98 4.01 -11.30
C ILE A 475 13.18 5.46 -10.96
N ILE A 476 14.41 5.86 -10.65
CA ILE A 476 14.74 7.30 -10.45
C ILE A 476 15.47 7.74 -11.70
N CYS A 477 14.86 8.61 -12.48
CA CYS A 477 15.48 8.97 -13.76
C CYS A 477 15.88 10.41 -13.68
N GLN A 478 17.09 10.74 -14.11
CA GLN A 478 17.63 12.09 -13.98
C GLN A 478 17.83 12.58 -15.39
N PRO A 479 17.84 13.88 -15.68
CA PRO A 479 17.95 14.33 -17.03
C PRO A 479 19.18 13.94 -17.81
N LYS A 480 19.08 14.03 -19.13
CA LYS A 480 20.16 13.51 -19.99
C LYS A 480 21.58 13.88 -19.52
N ARG A 481 21.82 15.18 -19.34
CA ARG A 481 23.16 15.71 -18.93
C ARG A 481 24.10 15.46 -20.10
N CYS A 482 23.53 15.46 -21.30
CA CYS A 482 24.35 15.11 -22.46
C CYS A 482 25.37 16.21 -22.69
N SER A 483 26.65 15.91 -22.47
CA SER A 483 27.72 16.89 -22.77
C SER A 483 28.18 16.66 -24.19
N GLN A 484 27.52 17.32 -25.13
CA GLN A 484 27.97 17.22 -26.53
C GLN A 484 29.25 18.02 -26.51
N LYS A 485 30.29 17.48 -27.11
CA LYS A 485 31.52 18.31 -27.25
C LYS A 485 31.47 18.79 -28.69
N PRO A 486 31.55 20.10 -28.95
CA PRO A 486 31.37 20.57 -30.29
C PRO A 486 32.56 20.59 -31.25
N VAL A 487 32.41 19.92 -32.39
CA VAL A 487 33.48 20.06 -33.42
C VAL A 487 32.97 21.26 -34.18
N THR A 488 33.75 22.34 -34.18
CA THR A 488 33.33 23.58 -34.80
C THR A 488 34.34 24.28 -35.74
N HIS A 489 35.57 24.48 -35.25
CA HIS A 489 36.61 24.94 -36.20
C HIS A 489 36.68 23.78 -37.18
N CYS A 490 36.29 24.04 -38.41
CA CYS A 490 36.32 22.99 -39.44
C CYS A 490 36.88 23.45 -40.78
N VAL A 491 37.70 22.59 -41.40
CA VAL A 491 38.27 22.93 -42.73
C VAL A 491 38.09 21.80 -43.75
N GLU A 492 37.30 22.03 -44.81
CA GLU A 492 37.10 21.09 -45.94
C GLU A 492 36.29 21.96 -46.90
N ASP A 493 35.99 21.48 -48.10
CA ASP A 493 35.09 22.28 -48.96
C ASP A 493 33.74 22.34 -48.23
N GLY A 494 33.22 23.55 -48.02
CA GLY A 494 31.90 23.72 -47.40
C GLY A 494 31.65 22.99 -46.09
N THR A 495 32.63 22.90 -45.19
CA THR A 495 32.32 22.26 -43.89
C THR A 495 31.57 23.27 -43.02
N TYR A 496 30.35 22.94 -42.62
CA TYR A 496 29.55 23.81 -41.74
C TYR A 496 29.39 23.12 -40.40
N LEU A 497 29.33 23.89 -39.30
CA LEU A 497 29.09 23.26 -37.98
C LEU A 497 27.74 22.55 -38.04
N ALA A 498 27.69 21.28 -37.67
CA ALA A 498 26.43 20.52 -37.77
C ALA A 498 26.09 19.89 -36.41
N THR A 499 25.04 20.38 -35.75
CA THR A 499 24.61 19.79 -34.47
C THR A 499 23.70 18.60 -34.79
N GLU A 500 24.22 17.62 -35.55
CA GLU A 500 23.41 16.45 -35.97
C GLU A 500 23.06 15.61 -34.74
N VAL A 501 21.88 14.98 -34.75
CA VAL A 501 21.51 14.09 -33.61
C VAL A 501 22.64 13.08 -33.44
N ASN A 502 23.12 12.90 -32.22
CA ASN A 502 24.27 11.98 -31.99
C ASN A 502 23.86 10.56 -32.37
N PRO A 503 24.65 9.83 -33.18
CA PRO A 503 24.32 8.43 -33.49
C PRO A 503 24.39 7.61 -32.20
N ALA A 504 25.40 7.88 -31.36
CA ALA A 504 25.56 7.12 -30.09
C ALA A 504 24.33 7.35 -29.20
N ASP A 505 23.88 8.61 -29.10
CA ASP A 505 22.66 8.90 -28.32
C ASP A 505 21.67 9.66 -29.21
N THR A 506 20.49 9.07 -29.44
CA THR A 506 19.46 9.75 -30.26
C THR A 506 19.10 11.05 -29.54
N CYS A 507 19.07 11.02 -28.21
CA CYS A 507 18.72 12.22 -27.41
C CYS A 507 19.78 13.32 -27.63
N CYS A 508 21.06 12.96 -27.65
CA CYS A 508 22.13 13.95 -27.93
C CYS A 508 22.09 14.36 -29.40
N ASN A 509 22.41 15.63 -29.71
CA ASN A 509 22.51 16.09 -31.12
C ASN A 509 23.84 16.83 -31.26
N ILE A 510 24.96 16.15 -30.98
CA ILE A 510 26.29 16.83 -30.99
C ILE A 510 26.59 17.56 -32.31
N THR A 511 27.27 18.71 -32.23
CA THR A 511 27.90 19.39 -33.41
C THR A 511 29.08 18.53 -33.85
N VAL A 512 29.02 18.07 -35.10
CA VAL A 512 30.07 17.15 -35.65
C VAL A 512 30.62 17.85 -36.89
N CYS A 513 30.06 19.03 -37.23
CA CYS A 513 30.59 19.85 -38.34
C CYS A 513 30.70 19.18 -39.71
N LYS A 514 29.56 18.81 -40.31
CA LYS A 514 29.51 18.13 -41.62
C LYS A 514 29.96 19.01 -42.79
N CYS A 515 30.62 18.42 -43.80
CA CYS A 515 30.95 19.18 -45.04
C CYS A 515 29.77 19.19 -46.01
N ASN A 516 29.88 19.95 -47.11
CA ASN A 516 28.79 20.04 -48.12
C ASN A 516 28.26 18.65 -48.51
N PRO B 38 -16.17 -24.74 45.35
CA PRO B 38 -16.28 -23.44 45.96
C PRO B 38 -15.20 -22.54 45.40
N GLU B 39 -13.96 -23.00 45.41
CA GLU B 39 -12.93 -22.20 44.71
C GLU B 39 -13.11 -22.67 43.27
N CYS B 40 -13.16 -21.74 42.32
CA CYS B 40 -13.59 -22.05 40.93
C CYS B 40 -12.82 -23.12 40.15
N PRO B 41 -13.53 -24.05 39.46
CA PRO B 41 -12.86 -24.99 38.57
C PRO B 41 -12.46 -24.22 37.31
N ASP B 42 -11.22 -24.37 36.89
CA ASP B 42 -10.86 -23.56 35.71
C ASP B 42 -10.71 -24.55 34.55
N THR B 52 -11.75 -17.02 43.10
CA THR B 52 -10.49 -17.14 43.83
C THR B 52 -9.63 -17.01 42.61
N TRP B 53 -10.20 -16.41 41.58
CA TRP B 53 -9.45 -16.49 40.31
C TRP B 53 -9.67 -15.19 39.56
N TRP B 54 -8.63 -14.63 38.97
CA TRP B 54 -8.79 -13.38 38.17
C TRP B 54 -9.60 -13.69 36.92
N LEU B 55 -10.75 -13.03 36.78
CA LEU B 55 -11.65 -13.31 35.64
C LEU B 55 -11.37 -12.35 34.49
N CYS B 56 -12.14 -12.47 33.41
CA CYS B 56 -11.97 -11.62 32.21
C CYS B 56 -12.31 -10.17 32.53
N ASP B 57 -11.78 -9.23 31.75
CA ASP B 57 -12.12 -7.80 31.92
C ASP B 57 -11.81 -7.37 33.36
N CYS B 58 -10.69 -7.86 33.91
CA CYS B 58 -10.26 -7.40 35.25
C CYS B 58 -11.33 -7.53 36.33
N PHE B 59 -11.94 -8.70 36.45
CA PHE B 59 -12.90 -8.89 37.57
C PHE B 59 -12.38 -10.02 38.47
N MET B 60 -11.28 -9.80 39.21
CA MET B 60 -10.77 -10.93 40.01
C MET B 60 -11.94 -11.39 40.86
N ALA B 61 -12.18 -12.67 40.97
CA ALA B 61 -13.37 -12.97 41.79
C ALA B 61 -12.93 -13.84 42.91
N THR B 62 -13.59 -13.72 44.06
CA THR B 62 -13.36 -14.67 45.18
C THR B 62 -14.48 -15.69 44.98
N CYS B 63 -14.15 -16.95 44.75
CA CYS B 63 -15.23 -17.91 44.37
C CYS B 63 -15.96 -18.49 45.59
N LYS B 64 -17.15 -17.97 45.88
CA LYS B 64 -17.98 -18.57 46.96
C LYS B 64 -18.45 -19.94 46.47
N TYR B 65 -18.88 -20.01 45.21
CA TYR B 65 -19.36 -21.29 44.60
C TYR B 65 -19.32 -21.14 43.07
N ASN B 66 -19.56 -22.24 42.37
CA ASN B 66 -19.53 -22.22 40.88
C ASN B 66 -20.61 -21.27 40.34
N ASN B 67 -21.79 -21.24 40.97
CA ASN B 67 -22.91 -20.43 40.41
C ASN B 67 -23.13 -19.13 41.20
N THR B 68 -22.33 -18.88 42.24
CA THR B 68 -22.42 -17.62 43.03
C THR B 68 -21.03 -17.29 43.53
N VAL B 69 -20.57 -16.03 43.43
CA VAL B 69 -19.14 -15.82 43.82
C VAL B 69 -19.03 -14.55 44.66
N GLU B 70 -17.82 -14.17 45.04
CA GLU B 70 -17.59 -12.87 45.68
C GLU B 70 -16.67 -12.07 44.76
N ILE B 71 -17.21 -11.48 43.70
CA ILE B 71 -16.37 -10.80 42.68
C ILE B 71 -15.76 -9.47 43.14
N VAL B 72 -14.58 -9.12 42.60
CA VAL B 72 -13.87 -7.85 42.95
C VAL B 72 -13.45 -7.11 41.67
N LYS B 73 -13.80 -5.84 41.53
CA LYS B 73 -13.31 -5.06 40.35
C LYS B 73 -11.84 -4.71 40.59
N VAL B 74 -11.02 -4.73 39.55
CA VAL B 74 -9.62 -4.21 39.62
C VAL B 74 -9.57 -2.92 38.80
N GLU B 75 -8.98 -1.82 39.32
CA GLU B 75 -8.77 -0.57 38.53
C GLU B 75 -7.61 0.26 39.12
N CYS B 76 -6.68 0.78 38.28
CA CYS B 76 -5.49 1.52 38.77
C CYS B 76 -5.29 2.79 37.93
N GLU B 77 -5.34 3.96 38.59
CA GLU B 77 -5.04 5.21 37.85
C GLU B 77 -3.79 5.84 38.47
N PRO B 78 -2.63 5.84 37.80
CA PRO B 78 -1.49 6.58 38.28
C PRO B 78 -1.50 8.05 37.84
N PRO B 79 -1.07 8.99 38.70
CA PRO B 79 -0.89 10.38 38.28
C PRO B 79 0.33 10.46 37.35
N PRO B 80 0.40 11.41 36.40
CA PRO B 80 1.52 11.50 35.46
C PRO B 80 2.87 11.54 36.17
N MET B 81 3.80 10.73 35.69
CA MET B 81 5.11 10.62 36.35
C MET B 81 5.70 12.02 36.43
N PRO B 82 6.08 12.49 37.63
CA PRO B 82 6.48 13.88 37.80
C PRO B 82 7.65 14.36 36.93
N THR B 83 8.68 13.54 36.83
CA THR B 83 9.86 13.94 36.04
C THR B 83 10.21 12.72 35.21
N CYS B 84 10.99 12.89 34.14
CA CYS B 84 11.47 11.68 33.43
C CYS B 84 12.99 11.74 33.38
N SER B 85 13.57 12.87 33.84
CA SER B 85 15.04 13.15 33.89
C SER B 85 15.55 13.61 32.52
N ASN B 86 14.76 13.43 31.47
CA ASN B 86 15.13 13.96 30.13
C ASN B 86 14.23 15.17 29.93
N GLY B 87 13.17 15.28 30.73
CA GLY B 87 12.26 16.44 30.66
C GLY B 87 11.19 16.28 29.61
N LEU B 88 11.21 15.18 28.85
CA LEU B 88 10.12 14.93 27.88
C LEU B 88 8.94 14.37 28.67
N GLN B 89 7.72 14.58 28.20
CA GLN B 89 6.51 14.10 28.91
C GLN B 89 6.46 12.57 28.96
N PRO B 90 6.05 11.94 30.09
CA PRO B 90 5.93 10.49 30.16
C PRO B 90 4.84 9.90 29.25
N VAL B 91 4.98 8.62 28.90
CA VAL B 91 3.93 7.95 28.08
C VAL B 91 3.15 6.99 28.95
N ARG B 92 1.83 6.91 28.77
CA ARG B 92 1.14 5.90 29.59
C ARG B 92 1.30 4.56 28.90
N VAL B 93 2.01 3.66 29.57
CA VAL B 93 2.20 2.30 29.00
C VAL B 93 1.27 1.43 29.81
N GLU B 94 0.45 0.63 29.13
CA GLU B 94 -0.56 -0.15 29.88
C GLU B 94 0.08 -1.33 30.60
N ASP B 95 -0.52 -1.77 31.69
CA ASP B 95 -0.04 -2.95 32.44
C ASP B 95 -0.44 -4.21 31.67
N PRO B 96 0.11 -5.40 31.97
CA PRO B 96 -0.39 -6.63 31.34
C PRO B 96 -1.89 -6.77 31.62
N ASP B 97 -2.34 -6.51 32.85
CA ASP B 97 -3.82 -6.48 33.07
C ASP B 97 -4.32 -5.23 32.34
N GLY B 98 -5.40 -5.37 31.58
CA GLY B 98 -5.88 -4.23 30.77
C GLY B 98 -6.32 -3.05 31.63
N CYS B 99 -6.98 -3.32 32.76
CA CYS B 99 -7.53 -2.23 33.60
C CYS B 99 -6.42 -1.31 34.10
N CYS B 100 -5.33 -1.88 34.59
CA CYS B 100 -4.31 -0.97 35.15
C CYS B 100 -3.37 -0.49 34.06
N TRP B 101 -2.65 0.58 34.38
CA TRP B 101 -1.70 1.17 33.41
C TRP B 101 -0.69 1.89 34.27
N HIS B 102 0.34 2.47 33.67
CA HIS B 102 1.42 3.15 34.44
C HIS B 102 2.00 4.21 33.56
N TRP B 103 2.89 5.05 34.08
CA TRP B 103 3.56 6.03 33.20
C TRP B 103 5.02 5.61 33.13
N GLU B 104 5.58 5.50 31.93
CA GLU B 104 7.02 5.18 31.82
C GLU B 104 7.67 6.29 31.01
N CYS B 105 8.98 6.47 31.18
CA CYS B 105 9.69 7.56 30.45
C CYS B 105 10.16 7.05 29.10
N ASP B 106 10.06 7.89 28.06
CA ASP B 106 10.63 7.48 26.75
C ASP B 106 12.14 7.68 26.85
N CYS B 107 12.90 6.84 26.16
CA CYS B 107 14.34 7.09 26.17
C CYS B 107 14.71 7.91 24.94
N TYR B 108 15.16 9.14 25.16
CA TYR B 108 15.45 10.08 24.08
C TYR B 108 16.90 10.53 24.17
N CYS B 109 17.65 10.30 23.10
CA CYS B 109 19.03 10.74 22.97
C CYS B 109 19.13 11.69 21.80
N THR B 110 19.79 12.83 22.00
CA THR B 110 19.95 13.81 20.94
C THR B 110 21.40 14.25 20.87
N GLY B 111 21.89 14.41 19.65
CA GLY B 111 23.22 14.96 19.44
C GLY B 111 23.24 15.93 18.29
N TRP B 112 23.64 17.17 18.55
CA TRP B 112 23.61 18.22 17.55
C TRP B 112 25.01 18.78 17.33
N GLY B 113 25.22 19.34 16.15
CA GLY B 113 26.51 19.92 15.88
C GLY B 113 27.57 18.84 15.82
N ASP B 114 28.81 19.27 15.97
CA ASP B 114 29.92 18.32 15.97
C ASP B 114 30.05 17.58 17.30
N PRO B 115 30.26 18.28 18.44
CA PRO B 115 30.67 17.56 19.65
C PRO B 115 29.58 17.22 20.65
N HIS B 116 28.39 17.80 20.49
CA HIS B 116 27.39 17.80 21.57
C HIS B 116 26.44 16.66 21.55
N TYR B 117 26.04 16.20 22.73
CA TYR B 117 25.12 15.08 22.88
C TYR B 117 24.40 15.16 24.19
N VAL B 118 23.15 14.76 24.25
CA VAL B 118 22.37 14.62 25.49
C VAL B 118 22.06 13.14 25.54
N THR B 119 22.24 12.51 26.68
CA THR B 119 22.10 11.06 26.81
C THR B 119 20.63 10.73 26.96
N PHE B 120 20.30 9.45 27.13
CA PHE B 120 18.89 9.03 27.21
C PHE B 120 18.23 9.69 28.42
N ASP B 121 19.02 10.07 29.42
CA ASP B 121 18.43 10.63 30.66
C ASP B 121 18.80 12.11 30.82
N GLY B 122 18.88 12.86 29.71
CA GLY B 122 19.09 14.32 29.81
C GLY B 122 20.52 14.76 29.99
N LEU B 123 21.39 13.91 30.54
CA LEU B 123 22.76 14.33 30.82
C LEU B 123 23.43 14.82 29.55
N TYR B 124 23.96 16.04 29.60
CA TYR B 124 24.57 16.70 28.46
C TYR B 124 26.08 16.66 28.56
N TYR B 125 26.75 16.31 27.46
CA TYR B 125 28.20 16.32 27.44
C TYR B 125 28.68 16.57 26.01
N SER B 126 29.84 17.22 25.90
CA SER B 126 30.45 17.52 24.62
C SER B 126 31.69 16.65 24.44
N TYR B 127 31.71 15.85 23.41
CA TYR B 127 32.87 14.98 23.12
C TYR B 127 33.19 15.10 21.64
N GLN B 128 34.43 15.34 21.26
CA GLN B 128 34.72 15.34 19.81
C GLN B 128 35.59 14.16 19.49
N GLY B 129 35.40 13.53 18.32
CA GLY B 129 36.28 12.42 17.90
C GLY B 129 36.22 12.14 16.42
N ASN B 130 36.99 11.15 15.94
CA ASN B 130 37.03 10.92 14.48
C ASN B 130 36.55 9.53 14.08
N CYS B 131 36.70 8.51 14.90
CA CYS B 131 36.37 7.13 14.46
C CYS B 131 34.87 6.89 14.57
N THR B 132 34.34 5.84 13.98
CA THR B 132 32.91 5.61 14.21
C THR B 132 32.73 5.31 15.69
N TYR B 133 31.86 6.04 16.35
CA TYR B 133 31.59 5.69 17.75
C TYR B 133 30.19 5.17 17.86
N VAL B 134 30.02 4.14 18.64
CA VAL B 134 28.71 3.51 18.84
C VAL B 134 27.80 4.46 19.62
N LEU B 135 26.59 4.66 19.12
CA LEU B 135 25.59 5.43 19.85
C LEU B 135 24.87 4.57 20.88
N VAL B 136 24.20 3.51 20.44
CA VAL B 136 23.44 2.65 21.33
C VAL B 136 23.53 1.21 20.86
N GLU B 137 23.63 0.29 21.82
CA GLU B 137 23.57 -1.15 21.57
C GLU B 137 22.65 -1.77 22.61
N GLU B 138 22.63 -3.09 22.73
CA GLU B 138 21.79 -3.66 23.81
C GLU B 138 22.69 -4.38 24.81
N ILE B 139 22.59 -4.10 26.11
CA ILE B 139 23.50 -4.72 27.09
C ILE B 139 23.32 -6.22 27.06
N SER B 140 22.09 -6.69 27.18
CA SER B 140 21.81 -8.14 27.10
C SER B 140 21.07 -8.31 25.81
N PRO B 141 21.70 -8.85 24.75
CA PRO B 141 21.08 -8.80 23.47
C PRO B 141 19.74 -9.48 23.40
N SER B 142 18.77 -8.68 23.02
CA SER B 142 17.45 -9.25 22.75
C SER B 142 17.41 -9.39 21.24
N VAL B 143 17.55 -8.30 20.49
CA VAL B 143 17.41 -8.39 19.01
C VAL B 143 18.74 -8.85 18.46
N ASP B 144 18.75 -9.33 17.22
CA ASP B 144 19.97 -9.95 16.70
C ASP B 144 21.13 -9.01 16.56
N ASN B 145 20.93 -7.93 15.86
CA ASN B 145 22.01 -6.95 15.83
C ASN B 145 21.21 -5.71 16.02
N PHE B 146 21.47 -4.90 17.03
CA PHE B 146 20.73 -3.64 17.05
C PHE B 146 21.82 -2.70 17.37
N GLY B 147 22.10 -1.77 16.50
CA GLY B 147 23.09 -0.79 16.90
C GLY B 147 22.88 0.44 16.14
N VAL B 148 22.82 1.56 16.79
CA VAL B 148 22.78 2.77 15.97
C VAL B 148 24.18 3.25 16.17
N TYR B 149 24.95 3.57 15.15
CA TYR B 149 26.35 3.95 15.29
C TYR B 149 26.54 5.25 14.55
N ILE B 150 27.31 6.19 15.07
CA ILE B 150 27.58 7.48 14.41
C ILE B 150 29.00 7.36 13.94
N ASP B 151 29.33 7.99 12.86
CA ASP B 151 30.70 8.07 12.29
C ASP B 151 30.83 9.51 11.89
N ASN B 152 31.40 10.26 12.84
CA ASN B 152 31.56 11.73 12.69
C ASN B 152 32.88 12.04 12.07
N TYR B 153 32.92 12.62 10.86
CA TYR B 153 34.25 12.92 10.28
C TYR B 153 35.19 11.76 10.01
N HIS B 154 34.70 10.54 10.25
CA HIS B 154 35.54 9.37 9.89
C HIS B 154 35.45 9.29 8.38
N CYS B 155 34.31 9.72 7.83
CA CYS B 155 34.14 9.79 6.36
C CYS B 155 35.16 10.77 5.82
N ASP B 156 35.31 11.93 6.49
CA ASP B 156 36.29 12.96 6.05
C ASP B 156 36.79 13.73 7.28
N PRO B 157 38.12 13.93 7.43
CA PRO B 157 38.65 14.73 8.54
C PRO B 157 38.18 16.19 8.44
N ASN B 158 38.16 16.75 7.24
CA ASN B 158 37.76 18.17 7.03
C ASN B 158 36.29 18.35 7.45
N ASP B 159 35.94 19.52 7.98
CA ASP B 159 34.54 19.75 8.48
C ASP B 159 33.73 20.48 7.41
N LYS B 160 32.76 19.78 6.80
CA LYS B 160 31.93 20.39 5.72
C LYS B 160 30.61 19.64 5.60
N VAL B 161 29.66 20.18 4.82
CA VAL B 161 28.37 19.47 4.58
C VAL B 161 28.66 18.24 3.71
N SER B 162 29.89 18.15 3.18
CA SER B 162 30.26 16.96 2.39
C SER B 162 30.06 15.74 3.27
N CYS B 163 30.51 15.79 4.53
CA CYS B 163 30.19 14.70 5.49
C CYS B 163 30.42 15.17 6.93
N PRO B 164 29.47 15.86 7.58
CA PRO B 164 29.64 16.18 8.98
C PRO B 164 29.76 14.84 9.69
N ARG B 165 28.87 13.89 9.37
CA ARG B 165 28.85 12.60 10.04
C ARG B 165 27.98 11.68 9.22
N THR B 166 27.96 10.37 9.43
CA THR B 166 27.10 9.36 8.82
C THR B 166 26.50 8.46 9.88
N LEU B 167 25.21 8.18 9.76
CA LEU B 167 24.48 7.40 10.75
C LEU B 167 24.27 5.99 10.23
N ILE B 168 24.71 5.00 11.00
CA ILE B 168 24.60 3.60 10.60
C ILE B 168 23.69 2.88 11.59
N VAL B 169 22.51 2.48 11.13
CA VAL B 169 21.57 1.74 11.94
C VAL B 169 21.59 0.29 11.46
N ARG B 170 22.05 -0.62 12.31
CA ARG B 170 22.19 -2.02 11.95
C ARG B 170 21.18 -2.84 12.73
N HIS B 171 20.29 -3.51 11.99
CA HIS B 171 19.22 -4.30 12.60
C HIS B 171 19.16 -5.64 11.88
N GLU B 172 19.41 -6.72 12.62
CA GLU B 172 19.40 -8.06 12.06
C GLU B 172 20.32 -8.18 10.85
N THR B 173 19.74 -8.45 9.69
CA THR B 173 20.53 -8.60 8.47
C THR B 173 20.82 -7.28 7.77
N GLN B 174 20.06 -6.24 8.09
CA GLN B 174 20.14 -4.98 7.37
C GLN B 174 21.07 -4.00 8.07
N GLU B 175 21.72 -3.15 7.27
CA GLU B 175 22.38 -1.96 7.79
C GLU B 175 22.03 -0.79 6.88
N VAL B 176 21.62 0.32 7.48
CA VAL B 176 21.27 1.54 6.77
C VAL B 176 22.32 2.59 7.10
N LEU B 177 22.95 3.13 6.06
CA LEU B 177 24.00 4.12 6.21
C LEU B 177 23.51 5.40 5.56
N ILE B 178 23.02 6.33 6.39
CA ILE B 178 22.60 7.64 5.93
C ILE B 178 23.83 8.52 6.12
N LYS B 179 24.36 9.04 5.02
CA LYS B 179 25.55 9.86 5.02
C LYS B 179 25.20 11.01 4.09
N THR B 180 25.35 12.19 4.66
CA THR B 180 25.00 13.46 3.99
C THR B 180 26.07 13.77 2.98
N VAL B 181 25.77 13.63 1.70
CA VAL B 181 26.73 14.09 0.68
C VAL B 181 26.24 15.46 0.33
N HIS B 182 27.02 16.45 0.72
CA HIS B 182 26.59 17.85 0.55
C HIS B 182 25.17 18.19 1.03
N MET B 183 24.38 18.84 0.22
CA MET B 183 22.96 19.16 0.55
C MET B 183 22.08 17.97 0.97
N MET B 184 22.05 17.00 0.07
CA MET B 184 21.16 15.83 0.25
C MET B 184 21.72 14.53 0.82
N PRO B 185 21.40 13.98 2.05
CA PRO B 185 21.91 12.71 2.37
C PRO B 185 21.39 11.62 1.47
N MET B 186 22.25 10.66 1.19
CA MET B 186 21.79 9.51 0.43
C MET B 186 21.88 8.30 1.34
N GLN B 187 20.93 7.38 1.21
CA GLN B 187 21.02 6.14 1.97
C GLN B 187 21.71 5.04 1.19
N VAL B 188 22.61 4.32 1.86
CA VAL B 188 23.21 3.10 1.34
C VAL B 188 22.77 1.96 2.24
N GLN B 189 22.07 0.99 1.67
CA GLN B 189 21.59 -0.17 2.42
C GLN B 189 22.40 -1.38 2.00
N VAL B 190 23.33 -1.81 2.86
CA VAL B 190 24.22 -2.92 2.58
C VAL B 190 24.98 -2.71 1.28
N GLN B 195 25.01 -0.58 -1.22
CA GLN B 195 23.92 -0.55 -2.19
C GLN B 195 22.95 0.58 -1.86
N ALA B 196 22.78 1.50 -2.79
CA ALA B 196 21.93 2.67 -2.55
C ALA B 196 20.45 2.30 -2.67
N VAL B 197 19.62 3.04 -1.94
CA VAL B 197 18.18 2.85 -1.91
C VAL B 197 17.51 4.22 -1.96
N ALA B 198 16.19 4.21 -2.15
CA ALA B 198 15.42 5.44 -2.25
C ALA B 198 14.95 5.85 -0.85
N LEU B 199 14.12 6.89 -0.80
CA LEU B 199 13.75 7.46 0.49
C LEU B 199 12.73 6.58 1.22
N PRO B 200 11.54 6.29 0.64
CA PRO B 200 10.57 5.46 1.37
C PRO B 200 10.89 3.97 1.27
N TYR B 201 11.95 3.54 1.94
CA TYR B 201 12.37 2.14 1.91
C TYR B 201 11.63 1.37 2.98
N LYS B 202 11.36 0.09 2.71
CA LYS B 202 10.68 -0.75 3.69
C LYS B 202 11.02 -2.20 3.40
N LYS B 203 11.60 -2.88 4.39
CA LYS B 203 12.02 -4.27 4.21
C LYS B 203 12.33 -4.88 5.55
N TYR B 204 11.86 -6.11 5.77
CA TYR B 204 12.14 -6.89 6.98
C TYR B 204 11.86 -6.09 8.24
N GLY B 205 10.69 -5.46 8.29
CA GLY B 205 10.29 -4.72 9.48
C GLY B 205 11.07 -3.45 9.74
N LEU B 206 11.94 -3.04 8.82
CA LEU B 206 12.70 -1.81 8.94
C LEU B 206 12.22 -0.84 7.88
N GLU B 207 11.85 0.37 8.29
CA GLU B 207 11.32 1.37 7.38
C GLU B 207 12.19 2.62 7.43
N VAL B 208 12.34 3.29 6.29
CA VAL B 208 13.13 4.55 6.24
C VAL B 208 12.31 5.56 5.46
N TYR B 209 12.17 6.78 5.98
CA TYR B 209 11.34 7.80 5.29
C TYR B 209 11.82 9.20 5.67
N GLN B 210 11.48 10.20 4.85
CA GLN B 210 11.87 11.60 5.15
C GLN B 210 10.70 12.29 5.86
N SER B 211 10.89 12.74 7.10
CA SER B 211 9.84 13.51 7.78
C SER B 211 10.37 14.93 8.02
N GLY B 212 9.71 15.93 7.45
CA GLY B 212 10.25 17.30 7.58
C GLY B 212 11.67 17.34 7.04
N ILE B 213 12.60 17.83 7.86
CA ILE B 213 14.04 17.88 7.46
C ILE B 213 14.75 16.66 8.06
N ASN B 214 13.99 15.70 8.59
CA ASN B 214 14.63 14.56 9.30
C ASN B 214 14.41 13.23 8.59
N TYR B 215 15.48 12.52 8.26
CA TYR B 215 15.44 11.21 7.63
C TYR B 215 15.22 10.20 8.76
N VAL B 216 14.09 9.50 8.72
CA VAL B 216 13.65 8.66 9.81
C VAL B 216 13.86 7.21 9.45
N VAL B 217 14.60 6.49 10.30
CA VAL B 217 14.75 5.04 10.23
C VAL B 217 14.05 4.47 11.45
N ASP B 218 13.02 3.67 11.23
CA ASP B 218 12.23 3.18 12.35
C ASP B 218 12.03 1.67 12.25
N ILE B 219 11.93 1.06 13.43
CA ILE B 219 11.61 -0.35 13.59
C ILE B 219 10.32 -0.44 14.39
N PRO B 220 9.17 -0.58 13.73
CA PRO B 220 7.90 -0.61 14.45
C PRO B 220 7.78 -1.76 15.44
N GLU B 221 8.33 -2.94 15.12
CA GLU B 221 8.22 -4.06 16.04
C GLU B 221 8.97 -3.79 17.34
N LEU B 222 10.11 -3.10 17.26
CA LEU B 222 10.82 -2.63 18.43
C LEU B 222 10.35 -1.26 18.89
N GLY B 223 9.65 -0.52 18.04
CA GLY B 223 9.30 0.85 18.34
C GLY B 223 10.45 1.83 18.29
N VAL B 224 11.54 1.48 17.61
CA VAL B 224 12.75 2.35 17.60
C VAL B 224 12.63 3.38 16.47
N LEU B 225 12.70 4.67 16.81
CA LEU B 225 12.68 5.73 15.76
C LEU B 225 14.03 6.45 15.81
N VAL B 226 14.80 6.40 14.73
CA VAL B 226 16.10 7.14 14.68
C VAL B 226 15.96 8.22 13.60
N SER B 227 16.26 9.47 13.95
CA SER B 227 16.09 10.59 12.99
C SER B 227 17.43 11.26 12.74
N TYR B 228 17.82 11.40 11.48
CA TYR B 228 19.11 12.04 11.14
C TYR B 228 18.85 13.32 10.36
N ASN B 229 19.50 14.42 10.78
CA ASN B 229 19.39 15.68 10.01
C ASN B 229 20.82 15.98 9.55
N GLY B 230 21.03 17.10 8.87
CA GLY B 230 22.41 17.44 8.51
C GLY B 230 23.25 17.68 9.75
N LEU B 231 22.69 18.35 10.76
CA LEU B 231 23.50 18.73 11.94
C LEU B 231 23.02 18.02 13.21
N SER B 232 21.94 17.22 13.15
CA SER B 232 21.41 16.63 14.40
C SER B 232 21.00 15.18 14.23
N PHE B 233 21.06 14.40 15.31
CA PHE B 233 20.60 12.98 15.27
C PHE B 233 19.77 12.73 16.52
N SER B 234 18.73 11.89 16.40
CA SER B 234 17.89 11.56 17.58
C SER B 234 17.64 10.06 17.67
N VAL B 235 17.60 9.52 18.89
CA VAL B 235 17.30 8.07 19.08
C VAL B 235 16.18 7.96 20.11
N ARG B 236 15.02 7.43 19.71
CA ARG B 236 13.88 7.31 20.60
C ARG B 236 13.56 5.83 20.78
N LEU B 237 13.56 5.38 22.03
CA LEU B 237 13.35 3.98 22.38
C LEU B 237 12.29 3.86 23.46
N PRO B 238 11.37 2.90 23.33
CA PRO B 238 10.42 2.65 24.42
C PRO B 238 11.11 2.14 25.66
N TYR B 239 10.69 2.64 26.81
CA TYR B 239 11.39 2.29 28.07
C TYR B 239 11.13 0.81 28.35
N HIS B 240 9.92 0.36 28.04
CA HIS B 240 9.59 -1.04 28.41
C HIS B 240 10.45 -1.98 27.57
N ARG B 241 10.60 -1.73 26.27
CA ARG B 241 11.35 -2.70 25.43
C ARG B 241 12.86 -2.61 25.73
N PHE B 242 13.41 -1.40 25.88
CA PHE B 242 14.89 -1.27 26.02
C PHE B 242 15.31 -0.74 27.41
N GLY B 243 14.40 -0.73 28.38
CA GLY B 243 14.75 -0.15 29.70
C GLY B 243 15.91 -0.87 30.35
N ASN B 244 16.84 -0.13 30.96
CA ASN B 244 18.00 -0.73 31.69
C ASN B 244 18.55 -1.89 30.86
N ASN B 245 18.65 -1.72 29.54
CA ASN B 245 19.22 -2.76 28.65
C ASN B 245 19.97 -2.09 27.50
N THR B 246 20.34 -0.82 27.65
CA THR B 246 20.99 -0.08 26.53
C THR B 246 22.38 0.40 26.95
N LYS B 247 23.26 0.63 25.98
CA LYS B 247 24.64 1.07 26.28
C LYS B 247 25.22 1.84 25.09
N GLY B 248 26.29 2.60 25.32
CA GLY B 248 26.93 3.36 24.28
C GLY B 248 27.10 4.81 24.70
N GLN B 249 27.36 5.67 23.72
CA GLN B 249 27.52 7.10 24.01
C GLN B 249 26.21 7.75 24.46
N CYS B 250 25.07 7.17 24.09
CA CYS B 250 23.78 7.71 24.54
C CYS B 250 23.44 7.27 25.96
N GLY B 251 24.27 6.42 26.57
CA GLY B 251 24.07 6.09 28.00
C GLY B 251 23.03 5.03 28.30
N THR B 252 22.69 4.86 29.58
CA THR B 252 21.75 3.78 29.99
C THR B 252 20.40 4.38 30.37
N CYS B 253 19.34 3.96 29.67
CA CYS B 253 18.00 4.48 29.97
C CYS B 253 17.48 3.87 31.27
N THR B 254 17.70 4.56 32.39
CA THR B 254 17.29 4.02 33.70
C THR B 254 16.46 5.10 34.40
N ASN B 255 16.26 6.23 33.73
CA ASN B 255 15.51 7.38 34.32
C ASN B 255 16.27 8.19 35.39
N THR B 256 17.48 7.77 35.75
CA THR B 256 18.33 8.63 36.63
C THR B 256 19.62 8.98 35.88
N THR B 257 20.00 10.25 35.87
CA THR B 257 21.19 10.69 35.09
C THR B 257 22.56 10.17 35.61
N SER B 258 22.53 9.74 36.87
CA SER B 258 23.76 9.24 37.54
C SER B 258 24.56 8.12 36.87
N ASP B 259 23.87 7.18 36.23
CA ASP B 259 24.58 6.00 35.66
C ASP B 259 24.54 6.06 34.13
N ASP B 260 24.45 7.25 33.54
CA ASP B 260 24.30 7.32 32.06
C ASP B 260 25.66 7.36 31.36
N CYS B 261 26.69 6.86 32.03
CA CYS B 261 28.06 6.87 31.43
C CYS B 261 28.72 5.52 31.72
N ILE B 262 28.28 4.48 31.00
CA ILE B 262 28.84 3.11 31.23
C ILE B 262 29.90 2.82 30.17
N LEU B 263 31.05 2.32 30.59
CA LEU B 263 32.14 1.96 29.64
C LEU B 263 31.74 0.67 28.94
N PRO B 264 32.43 0.24 27.87
CA PRO B 264 32.12 -1.03 27.24
C PRO B 264 32.21 -2.10 28.33
N SER B 265 33.13 -1.92 29.27
CA SER B 265 33.28 -2.87 30.41
C SER B 265 31.96 -2.90 31.21
N GLY B 266 31.28 -1.76 31.32
CA GLY B 266 29.96 -1.73 31.98
C GLY B 266 29.95 -0.97 33.30
N GLU B 267 31.11 -0.74 33.92
CA GLU B 267 31.13 0.09 35.15
C GLU B 267 30.92 1.55 34.73
N ILE B 268 30.35 2.40 35.59
CA ILE B 268 30.22 3.81 35.16
C ILE B 268 31.37 4.70 35.63
N VAL B 269 31.55 5.89 35.05
CA VAL B 269 32.56 6.86 35.56
C VAL B 269 31.93 8.24 35.85
N SER B 270 32.58 9.13 36.62
CA SER B 270 31.97 10.44 36.78
C SER B 270 32.24 11.27 35.54
N ASN B 271 33.46 11.19 35.00
CA ASN B 271 33.84 11.97 33.82
C ASN B 271 33.15 11.30 32.63
N CYS B 272 31.93 11.75 32.37
CA CYS B 272 31.13 11.16 31.29
C CYS B 272 31.74 11.41 29.91
N GLU B 273 32.58 12.43 29.77
CA GLU B 273 33.19 12.71 28.48
C GLU B 273 34.23 11.65 28.12
N ALA B 274 34.97 11.15 29.11
CA ALA B 274 35.98 10.14 28.83
C ALA B 274 35.36 8.80 28.47
N ALA B 275 34.22 8.46 29.07
CA ALA B 275 33.57 7.19 28.77
C ALA B 275 33.15 7.11 27.31
N ALA B 276 32.97 8.26 26.71
CA ALA B 276 32.47 8.23 25.32
C ALA B 276 33.55 7.70 24.39
N ASP B 277 34.80 8.00 24.65
CA ASP B 277 35.85 7.55 23.70
C ASP B 277 35.97 6.04 23.78
N GLN B 278 35.76 5.47 24.96
CA GLN B 278 35.87 4.00 25.13
C GLN B 278 34.86 3.31 24.25
N TRP B 279 33.75 3.94 23.93
CA TRP B 279 32.85 3.33 22.95
C TRP B 279 33.30 3.63 21.55
N LEU B 280 34.40 3.04 21.14
CA LEU B 280 34.89 3.19 19.77
C LEU B 280 34.46 1.91 19.09
N VAL B 281 33.92 1.99 17.87
CA VAL B 281 33.62 0.75 17.11
C VAL B 281 34.80 0.49 16.18
N ASN B 282 35.65 -0.49 16.51
CA ASN B 282 36.87 -0.71 15.71
C ASN B 282 36.50 -1.11 14.28
N ASP B 283 37.24 -0.58 13.30
CA ASP B 283 36.99 -0.92 11.88
C ASP B 283 38.34 -1.06 11.17
N PRO B 284 38.43 -1.82 10.05
CA PRO B 284 39.72 -2.04 9.38
C PRO B 284 40.29 -0.70 8.88
N SER B 285 39.45 0.16 8.30
CA SER B 285 39.90 1.50 7.85
C SER B 285 40.26 2.35 9.07
N LYS B 286 41.35 3.13 8.99
CA LYS B 286 41.80 3.93 10.16
C LYS B 286 41.84 3.01 11.38
N PRO B 287 42.52 1.84 11.32
CA PRO B 287 42.48 0.88 12.43
C PRO B 287 42.85 1.56 13.76
N HIS B 288 43.82 2.46 13.72
CA HIS B 288 44.28 3.14 14.96
C HIS B 288 43.12 3.91 15.59
N CYS B 289 42.36 4.64 14.75
CA CYS B 289 41.16 5.36 15.28
C CYS B 289 41.57 6.11 16.54
N PRO B 290 42.62 6.95 16.53
CA PRO B 290 43.11 7.62 17.73
C PRO B 290 42.00 7.84 18.77
N ASP B 314 38.97 38.15 22.55
CA ASP B 314 37.60 37.71 22.97
C ASP B 314 36.42 37.16 22.18
N CYS B 315 35.96 35.96 22.55
CA CYS B 315 34.77 35.42 21.88
C CYS B 315 33.61 36.34 22.20
N THR B 316 32.92 36.78 21.15
CA THR B 316 31.74 37.61 21.39
C THR B 316 30.54 36.68 21.45
N PRO B 317 29.66 36.82 22.46
CA PRO B 317 28.43 36.07 22.45
C PRO B 317 27.68 36.66 21.24
N SER B 318 27.69 35.96 20.10
CA SER B 318 26.92 36.37 18.94
C SER B 318 25.48 36.66 19.34
N PRO B 319 24.86 37.71 18.77
CA PRO B 319 23.45 37.96 19.05
C PRO B 319 22.54 36.81 18.67
N LEU B 320 22.91 36.04 17.64
CA LEU B 320 22.13 34.87 17.26
C LEU B 320 21.96 33.91 18.43
N CYS B 321 23.05 33.66 19.16
CA CYS B 321 22.98 32.78 20.32
C CYS B 321 22.03 33.31 21.39
N GLN B 322 21.78 34.62 21.41
CA GLN B 322 20.86 35.19 22.37
C GLN B 322 19.41 34.81 22.08
N LEU B 323 19.13 34.22 20.92
CA LEU B 323 17.75 33.85 20.60
C LEU B 323 17.18 32.81 21.56
N ILE B 324 18.04 31.95 22.13
CA ILE B 324 17.55 30.94 23.07
C ILE B 324 16.89 31.60 24.28
N LYS B 325 17.53 32.63 24.83
CA LYS B 325 16.98 33.32 25.99
C LYS B 325 15.99 34.42 25.63
N ASP B 326 15.78 34.66 24.34
CA ASP B 326 14.88 35.72 23.91
C ASP B 326 13.42 35.33 24.18
N SER B 327 12.54 36.33 24.04
CA SER B 327 11.12 36.10 24.26
C SER B 327 10.49 35.20 23.20
N LEU B 328 11.20 34.95 22.10
CA LEU B 328 10.67 34.06 21.07
C LEU B 328 10.47 32.65 21.61
N PHE B 329 11.43 32.16 22.39
CA PHE B 329 11.36 30.82 22.98
C PHE B 329 10.73 30.84 24.37
N ALA B 330 9.85 31.79 24.65
CA ALA B 330 9.27 31.90 25.98
C ALA B 330 8.49 30.66 26.37
N GLN B 331 7.69 30.11 25.45
CA GLN B 331 6.98 28.86 25.74
C GLN B 331 7.95 27.70 25.89
N CYS B 332 9.12 27.79 25.26
CA CYS B 332 10.12 26.73 25.33
C CYS B 332 10.86 26.70 26.67
N HIS B 333 11.03 27.85 27.32
CA HIS B 333 11.75 27.88 28.59
C HIS B 333 11.11 26.98 29.64
N ALA B 334 9.81 26.73 29.54
CA ALA B 334 9.13 25.76 30.37
C ALA B 334 9.04 24.44 29.62
N LEU B 335 9.07 23.34 30.39
CA LEU B 335 8.93 21.97 29.89
C LEU B 335 10.19 21.53 29.14
N VAL B 336 11.12 22.45 28.90
CA VAL B 336 12.38 22.15 28.22
C VAL B 336 13.45 23.10 28.76
N PRO B 337 14.54 22.59 29.31
CA PRO B 337 15.60 23.47 29.81
C PRO B 337 16.45 24.01 28.68
N PRO B 338 16.66 25.33 28.63
CA PRO B 338 17.45 25.94 27.54
C PRO B 338 18.92 26.19 27.85
N GLN B 339 19.39 25.88 29.06
CA GLN B 339 20.76 26.21 29.43
C GLN B 339 21.77 25.46 28.57
N HIS B 340 21.53 24.15 28.35
CA HIS B 340 22.48 23.34 27.59
C HIS B 340 22.63 23.87 26.17
N TYR B 341 21.51 24.20 25.52
CA TYR B 341 21.57 24.66 24.14
C TYR B 341 22.20 26.04 24.03
N TYR B 342 21.93 26.93 24.99
CA TYR B 342 22.59 28.23 24.99
C TYR B 342 24.09 28.10 25.16
N ASP B 343 24.53 27.24 26.09
CA ASP B 343 25.96 27.02 26.26
C ASP B 343 26.58 26.39 25.03
N ALA B 344 25.88 25.45 24.38
CA ALA B 344 26.39 24.84 23.17
C ALA B 344 26.52 25.89 22.05
N CYS B 345 25.52 26.78 21.93
CA CYS B 345 25.61 27.84 20.94
C CYS B 345 26.82 28.73 21.19
N VAL B 346 27.02 29.14 22.44
CA VAL B 346 28.16 30.00 22.76
C VAL B 346 29.47 29.29 22.46
N PHE B 347 29.58 28.01 22.83
CA PHE B 347 30.80 27.26 22.61
C PHE B 347 31.08 27.11 21.11
N ASP B 348 30.03 26.84 20.32
CA ASP B 348 30.21 26.71 18.88
C ASP B 348 30.60 28.04 18.25
N SER B 349 30.03 29.15 18.74
CA SER B 349 30.44 30.46 18.24
C SER B 349 31.91 30.73 18.55
N CYS B 350 32.35 30.36 19.76
CA CYS B 350 33.76 30.51 20.12
C CYS B 350 34.67 29.56 19.36
N PHE B 351 34.14 28.43 18.87
CA PHE B 351 34.98 27.43 18.22
C PHE B 351 35.61 27.98 16.94
N MET B 352 34.79 28.66 16.11
CA MET B 352 35.26 29.67 15.18
C MET B 352 34.09 30.57 14.79
N PRO B 353 34.25 31.88 14.86
CA PRO B 353 33.15 32.78 14.50
C PRO B 353 32.91 32.80 13.00
N GLY B 354 31.65 33.12 12.65
CA GLY B 354 31.29 33.38 11.27
C GLY B 354 31.44 32.21 10.32
N SER B 355 31.09 31.01 10.76
CA SER B 355 31.08 29.83 9.91
C SER B 355 29.72 29.16 9.86
N SER B 356 28.66 29.83 10.33
CA SER B 356 27.28 29.35 10.27
C SER B 356 27.10 27.99 10.94
N LEU B 357 27.99 27.64 11.86
CA LEU B 357 27.82 26.43 12.65
C LEU B 357 27.15 26.70 13.99
N GLU B 358 26.91 27.97 14.31
CA GLU B 358 26.41 28.39 15.61
C GLU B 358 24.89 28.32 15.72
N CYS B 359 24.20 28.09 14.61
CA CYS B 359 22.75 28.00 14.61
C CYS B 359 22.26 26.56 14.50
N ALA B 360 23.13 25.59 14.79
CA ALA B 360 22.72 24.19 14.88
C ALA B 360 22.00 23.90 16.18
N SER B 361 22.40 24.57 17.27
CA SER B 361 21.72 24.37 18.55
C SER B 361 20.31 24.96 18.52
N LEU B 362 20.14 26.08 17.83
CA LEU B 362 18.80 26.65 17.66
C LEU B 362 17.86 25.66 17.00
N GLN B 363 18.34 24.99 15.95
CA GLN B 363 17.50 24.03 15.24
C GLN B 363 17.03 22.91 16.14
N ALA B 364 17.92 22.37 16.98
CA ALA B 364 17.55 21.23 17.80
C ALA B 364 16.72 21.66 19.00
N TYR B 365 16.96 22.86 19.51
CA TYR B 365 16.06 23.39 20.54
C TYR B 365 14.64 23.54 19.99
N ALA B 366 14.51 24.06 18.76
CA ALA B 366 13.19 24.16 18.15
C ALA B 366 12.59 22.78 17.89
N ALA B 367 13.42 21.82 17.47
CA ALA B 367 12.92 20.48 17.22
C ALA B 367 12.40 19.83 18.49
N LEU B 368 13.13 19.97 19.59
CA LEU B 368 12.67 19.43 20.87
C LEU B 368 11.42 20.15 21.35
N CYS B 369 11.32 21.46 21.13
CA CYS B 369 10.09 22.17 21.46
C CYS B 369 8.91 21.63 20.66
N ALA B 370 9.12 21.38 19.36
CA ALA B 370 8.07 20.80 18.53
C ALA B 370 7.70 19.42 19.03
N GLN B 371 8.67 18.64 19.50
CA GLN B 371 8.36 17.35 20.10
C GLN B 371 7.46 17.50 21.32
N GLN B 372 7.53 18.64 22.00
CA GLN B 372 6.65 18.94 23.12
C GLN B 372 5.35 19.60 22.67
N ASN B 373 4.95 19.40 21.41
CA ASN B 373 3.72 19.95 20.84
C ASN B 373 3.70 21.47 20.88
N ILE B 374 4.86 22.12 20.83
CA ILE B 374 4.95 23.58 20.81
C ILE B 374 5.79 23.96 19.60
N CYS B 375 5.15 24.43 18.54
CA CYS B 375 5.80 24.72 17.27
C CYS B 375 6.12 26.21 17.18
N LEU B 376 7.34 26.52 16.74
CA LEU B 376 7.83 27.90 16.68
C LEU B 376 8.45 28.17 15.33
N ASP B 377 8.35 29.43 14.90
CA ASP B 377 9.08 29.93 13.74
C ASP B 377 10.22 30.81 14.26
N TRP B 378 11.46 30.40 13.97
CA TRP B 378 12.61 31.07 14.56
C TRP B 378 13.60 31.53 13.50
N ARG B 379 13.60 30.86 12.35
CA ARG B 379 14.62 31.12 11.34
C ARG B 379 14.53 32.52 10.74
N ASN B 380 13.32 33.04 10.52
CA ASN B 380 13.23 34.40 10.01
C ASN B 380 13.68 35.41 11.05
N HIS B 381 13.62 35.04 12.33
CA HIS B 381 14.20 35.85 13.39
C HIS B 381 15.72 35.90 13.47
N THR B 382 16.42 34.96 12.83
CA THR B 382 17.86 34.90 12.91
C THR B 382 18.58 35.87 11.96
N HIS B 383 17.82 36.73 11.29
CA HIS B 383 18.35 37.62 10.26
C HIS B 383 19.19 36.91 9.20
N GLY B 384 18.70 35.75 8.77
CA GLY B 384 19.42 34.96 7.79
C GLY B 384 20.59 34.20 8.40
N ALA B 385 21.61 34.00 7.57
CA ALA B 385 22.88 33.35 7.91
C ALA B 385 22.74 31.84 8.05
N CYS B 386 21.51 31.33 8.06
CA CYS B 386 21.25 29.91 7.84
C CYS B 386 19.77 29.66 7.60
N LEU B 387 19.42 29.11 6.44
CA LEU B 387 18.05 28.74 6.11
C LEU B 387 18.09 27.34 5.48
N VAL B 388 16.95 26.91 4.95
CA VAL B 388 16.84 25.61 4.31
C VAL B 388 17.32 25.73 2.87
N GLU B 389 17.70 24.58 2.30
CA GLU B 389 18.11 24.50 0.90
C GLU B 389 17.32 23.36 0.25
N CYS B 390 16.11 23.68 -0.21
CA CYS B 390 15.27 22.75 -0.94
C CYS B 390 14.64 23.45 -2.12
N PRO B 391 14.26 22.72 -3.19
CA PRO B 391 13.97 23.37 -4.48
C PRO B 391 12.79 24.34 -4.44
N SER B 392 12.63 25.07 -5.55
CA SER B 392 11.69 26.19 -5.58
C SER B 392 10.24 25.73 -5.47
N HIS B 393 9.93 24.55 -5.98
CA HIS B 393 8.53 24.12 -5.96
C HIS B 393 8.02 23.81 -4.55
N ARG B 394 8.87 23.85 -3.54
CA ARG B 394 8.45 23.68 -2.16
C ARG B 394 8.83 24.94 -1.37
N GLU B 395 7.94 25.32 -0.45
CA GLU B 395 8.13 26.49 0.40
C GLU B 395 8.41 26.07 1.82
N TYR B 396 9.27 26.81 2.49
CA TYR B 396 9.64 26.52 3.88
C TYR B 396 8.47 26.84 4.80
N GLN B 397 8.12 25.87 5.66
CA GLN B 397 7.13 26.06 6.70
C GLN B 397 7.72 25.62 8.02
N ALA B 398 7.62 26.50 9.03
CA ALA B 398 8.12 26.16 10.35
C ALA B 398 7.18 25.19 11.06
N CYS B 399 5.90 25.21 10.69
CA CYS B 399 4.90 24.34 11.30
C CYS B 399 4.19 23.58 10.19
N GLY B 400 4.38 22.27 10.15
CA GLY B 400 3.77 21.44 9.14
C GLY B 400 3.60 20.01 9.60
N PRO B 401 2.84 19.22 8.84
CA PRO B 401 2.63 17.82 9.21
C PRO B 401 3.93 17.03 9.18
N ALA B 402 4.05 16.08 10.11
CA ALA B 402 5.21 15.19 10.11
C ALA B 402 5.25 14.35 8.85
N GLU B 403 4.09 13.82 8.44
CA GLU B 403 3.94 13.10 7.19
C GLU B 403 3.07 13.94 6.27
N GLU B 404 3.68 14.49 5.22
CA GLU B 404 2.95 15.40 4.33
C GLU B 404 1.82 14.64 3.62
N PRO B 405 0.70 15.30 3.36
CA PRO B 405 -0.45 14.61 2.75
C PRO B 405 -0.19 14.30 1.29
N THR B 406 -0.02 13.04 0.96
CA THR B 406 0.26 12.68 -0.43
C THR B 406 -1.03 12.29 -1.08
N CYS B 407 -1.18 12.67 -2.32
CA CYS B 407 -2.49 12.37 -2.91
C CYS B 407 -2.71 10.88 -2.96
N LYS B 408 -1.73 10.12 -3.44
CA LYS B 408 -2.02 8.70 -3.64
C LYS B 408 -2.28 8.06 -2.31
N SER B 409 -1.52 8.46 -1.32
CA SER B 409 -1.62 7.67 -0.08
C SER B 409 -2.40 8.45 0.95
N SER B 410 -3.44 9.12 0.53
CA SER B 410 -4.25 9.72 1.62
C SER B 410 -4.91 8.70 2.54
N SER B 411 -4.66 8.77 3.85
CA SER B 411 -5.13 7.79 4.84
C SER B 411 -5.11 8.28 6.27
N SER B 412 -5.65 7.48 7.20
CA SER B 412 -5.68 7.86 8.63
C SER B 412 -4.28 8.28 9.03
N GLN B 413 -3.32 7.36 8.99
CA GLN B 413 -1.89 7.63 9.34
C GLN B 413 -1.74 7.93 10.83
N GLN B 414 -2.79 7.79 11.68
CA GLN B 414 -2.75 8.01 13.15
C GLN B 414 -1.92 9.24 13.40
N ASN B 415 -2.34 10.37 12.84
CA ASN B 415 -1.43 11.53 12.88
C ASN B 415 -1.00 11.88 14.29
N ASN B 416 0.32 11.99 14.44
CA ASN B 416 0.91 12.41 15.72
C ASN B 416 0.55 13.86 15.90
N THR B 417 0.32 14.56 14.79
CA THR B 417 -0.03 15.99 14.79
C THR B 417 1.06 16.71 15.54
N VAL B 418 2.24 16.09 15.69
CA VAL B 418 3.23 16.99 16.33
C VAL B 418 3.66 17.72 15.08
N LEU B 419 3.61 19.03 15.14
CA LEU B 419 3.86 19.70 13.86
C LEU B 419 5.36 19.91 13.71
N VAL B 420 5.95 19.39 12.63
CA VAL B 420 7.40 19.50 12.44
C VAL B 420 7.69 20.61 11.49
N GLU B 421 8.92 21.03 11.44
CA GLU B 421 9.37 22.05 10.50
C GLU B 421 9.97 21.40 9.27
N GLY B 422 10.06 22.18 8.19
CA GLY B 422 10.63 21.68 6.96
C GLY B 422 10.23 22.57 5.80
N CYS B 423 10.15 21.97 4.62
CA CYS B 423 9.55 22.66 3.48
C CYS B 423 8.65 21.69 2.73
N PHE B 424 7.45 22.18 2.42
CA PHE B 424 6.38 21.36 1.85
C PHE B 424 5.83 22.02 0.60
N CYS B 425 4.94 21.31 -0.08
CA CYS B 425 4.30 21.85 -1.26
C CYS B 425 3.42 23.03 -0.87
N PRO B 426 3.21 23.99 -1.78
CA PRO B 426 2.40 25.18 -1.46
C PRO B 426 0.97 24.79 -1.07
N GLU B 427 0.24 25.79 -0.59
CA GLU B 427 -1.10 25.55 -0.06
C GLU B 427 -2.03 25.01 -1.13
N GLY B 428 -1.98 25.57 -2.34
CA GLY B 428 -2.87 25.13 -3.40
C GLY B 428 -2.60 23.71 -3.83
N THR B 429 -1.32 23.35 -4.00
CA THR B 429 -0.95 22.05 -4.52
C THR B 429 -0.72 21.07 -3.36
N MET B 430 -0.34 19.85 -3.69
CA MET B 430 0.01 18.84 -2.69
C MET B 430 0.95 17.83 -3.34
N ASN B 431 1.70 17.12 -2.50
CA ASN B 431 2.62 16.12 -3.00
C ASN B 431 1.86 14.96 -3.65
N TYR B 432 2.46 14.39 -4.68
CA TYR B 432 1.79 13.34 -5.46
C TYR B 432 1.72 12.03 -4.68
N ALA B 433 2.87 11.46 -4.35
CA ALA B 433 2.94 10.16 -3.71
C ALA B 433 4.28 10.03 -3.00
N PRO B 434 4.39 9.15 -2.01
CA PRO B 434 5.70 8.88 -1.41
C PRO B 434 6.68 8.37 -2.46
N GLY B 435 7.93 8.81 -2.34
CA GLY B 435 8.93 8.52 -3.34
C GLY B 435 8.98 9.50 -4.48
N PHE B 436 7.94 10.32 -4.65
CA PHE B 436 7.91 11.37 -5.66
C PHE B 436 8.05 12.72 -4.96
N ASP B 437 8.31 13.75 -5.77
CA ASP B 437 8.53 15.08 -5.22
C ASP B 437 7.76 16.16 -5.97
N VAL B 438 7.26 15.87 -7.16
CA VAL B 438 6.42 16.91 -7.82
C VAL B 438 5.11 17.24 -7.17
N CYS B 439 4.80 18.52 -6.98
CA CYS B 439 3.58 18.93 -6.30
C CYS B 439 2.52 19.12 -7.37
N VAL B 440 1.29 18.70 -7.07
CA VAL B 440 0.21 18.70 -8.04
C VAL B 440 -1.04 19.31 -7.41
N LYS B 441 -1.98 19.72 -8.25
CA LYS B 441 -3.25 20.25 -7.74
C LYS B 441 -4.15 19.05 -7.78
N THR B 442 -4.55 18.67 -8.97
CA THR B 442 -5.37 17.45 -9.14
C THR B 442 -4.51 16.24 -8.87
N CYS B 443 -5.06 15.16 -8.34
CA CYS B 443 -4.18 14.05 -7.94
C CYS B 443 -3.48 13.43 -9.15
N GLY B 444 -4.18 13.08 -10.22
CA GLY B 444 -3.51 12.64 -11.45
C GLY B 444 -2.61 11.42 -11.38
N CYS B 445 -1.67 11.27 -12.33
CA CYS B 445 -0.65 10.19 -12.21
C CYS B 445 0.67 10.82 -12.62
N VAL B 446 1.82 10.43 -12.06
CA VAL B 446 3.11 11.10 -12.43
C VAL B 446 4.02 10.02 -12.97
N GLY B 447 4.78 10.25 -14.03
CA GLY B 447 5.58 9.13 -14.59
C GLY B 447 7.04 8.99 -14.09
N PRO B 448 8.04 8.14 -14.58
CA PRO B 448 9.42 8.24 -14.08
C PRO B 448 9.97 9.65 -14.19
N ASP B 449 9.62 10.38 -15.23
CA ASP B 449 9.91 11.80 -15.29
C ASP B 449 8.88 12.55 -14.46
N ASN B 450 9.35 13.45 -13.60
CA ASN B 450 8.46 14.14 -12.67
C ASN B 450 7.65 15.17 -13.44
N VAL B 451 6.56 14.73 -14.05
CA VAL B 451 5.65 15.62 -14.77
C VAL B 451 4.22 15.27 -14.39
N PRO B 452 3.42 16.25 -13.95
CA PRO B 452 2.01 15.96 -13.61
C PRO B 452 1.23 15.52 -14.84
N ARG B 453 0.51 14.42 -14.70
CA ARG B 453 -0.37 14.04 -15.81
C ARG B 453 -1.75 14.08 -15.20
N GLU B 454 -2.78 14.04 -16.01
CA GLU B 454 -4.13 14.17 -15.45
C GLU B 454 -4.84 12.89 -15.83
N PHE B 455 -5.90 12.54 -15.14
CA PHE B 455 -6.49 11.26 -15.50
C PHE B 455 -7.12 11.42 -16.87
N GLY B 456 -6.86 10.49 -17.79
CA GLY B 456 -7.45 10.51 -19.14
C GLY B 456 -6.60 11.22 -20.16
N GLU B 457 -5.42 11.67 -19.78
CA GLU B 457 -4.59 12.45 -20.70
C GLU B 457 -3.83 11.51 -21.62
N HIS B 458 -4.09 11.59 -22.92
CA HIS B 458 -3.24 10.87 -23.87
C HIS B 458 -1.99 11.71 -24.12
N PHE B 459 -0.86 11.04 -23.95
CA PHE B 459 0.44 11.71 -24.16
C PHE B 459 1.29 10.68 -24.89
N GLU B 460 2.59 10.94 -25.00
CA GLU B 460 3.51 9.96 -25.61
C GLU B 460 4.82 9.92 -24.82
N PHE B 461 4.79 9.35 -23.62
CA PHE B 461 6.02 9.23 -22.79
C PHE B 461 6.94 8.18 -23.41
N ASP B 462 8.24 8.23 -23.07
CA ASP B 462 9.20 7.30 -23.70
C ASP B 462 9.03 7.44 -25.20
N CYS B 463 8.93 6.33 -25.93
CA CYS B 463 8.64 6.42 -27.38
C CYS B 463 7.36 5.66 -27.66
N LYS B 464 6.54 5.45 -26.63
CA LYS B 464 5.30 4.65 -26.79
C LYS B 464 4.08 5.51 -26.44
N ASN B 465 3.01 5.41 -27.22
CA ASN B 465 1.77 6.16 -26.89
C ASN B 465 1.28 5.67 -25.52
N CYS B 466 0.82 6.58 -24.66
CA CYS B 466 0.44 6.18 -23.29
C CYS B 466 -0.81 6.92 -22.84
N VAL B 467 -1.55 6.36 -21.88
CA VAL B 467 -2.75 7.04 -21.32
C VAL B 467 -2.59 7.04 -19.79
N CYS B 468 -3.20 7.99 -19.10
CA CYS B 468 -3.02 8.10 -17.64
C CYS B 468 -4.34 7.76 -16.92
N LEU B 469 -4.83 6.53 -17.08
CA LEU B 469 -6.12 6.16 -16.46
C LEU B 469 -5.99 6.04 -14.95
N GLU B 470 -7.09 6.27 -14.23
CA GLU B 470 -7.08 6.12 -12.75
C GLU B 470 -7.33 4.66 -12.41
N GLY B 471 -6.37 4.01 -11.74
CA GLY B 471 -6.51 2.57 -11.47
C GLY B 471 -5.24 1.97 -10.91
N GLY B 472 -5.02 0.67 -11.14
CA GLY B 472 -3.85 0.01 -10.55
C GLY B 472 -2.54 0.59 -11.03
N SER B 473 -2.39 0.77 -12.35
CA SER B 473 -1.17 1.42 -12.90
C SER B 473 -1.57 2.75 -13.54
N GLY B 474 -1.00 3.85 -13.08
CA GLY B 474 -1.35 5.17 -13.62
C GLY B 474 -1.23 5.22 -15.13
N ILE B 475 -0.18 4.65 -15.71
CA ILE B 475 0.00 4.79 -17.19
C ILE B 475 0.03 3.43 -17.87
N ILE B 476 -0.86 3.20 -18.84
CA ILE B 476 -0.87 1.93 -19.63
C ILE B 476 0.36 1.89 -20.54
N CYS B 477 0.67 3.00 -21.22
CA CYS B 477 1.89 3.07 -22.07
C CYS B 477 1.99 1.91 -23.07
N GLN B 478 0.99 1.78 -23.96
CA GLN B 478 1.05 0.75 -25.03
C GLN B 478 2.11 1.13 -26.06
N PRO B 479 2.68 0.18 -26.84
CA PRO B 479 3.77 0.48 -27.78
C PRO B 479 3.33 1.40 -28.93
N LYS B 480 4.20 2.32 -29.35
CA LYS B 480 3.88 3.27 -30.45
C LYS B 480 3.45 2.50 -31.69
N ARG B 481 2.70 3.15 -32.60
CA ARG B 481 2.29 2.49 -33.87
C ARG B 481 2.92 3.20 -35.08
N CYS B 482 4.23 3.07 -35.27
CA CYS B 482 4.90 3.66 -36.46
C CYS B 482 6.11 2.81 -36.85
N SER B 483 6.70 3.10 -38.01
CA SER B 483 7.88 2.32 -38.48
C SER B 483 8.68 3.16 -39.47
N GLN B 484 9.91 2.73 -39.79
CA GLN B 484 10.75 3.44 -40.77
C GLN B 484 10.06 3.37 -42.14
N LYS B 485 10.09 4.47 -42.90
CA LYS B 485 9.39 4.50 -44.21
C LYS B 485 10.42 4.40 -45.33
N PRO B 486 10.45 3.31 -46.14
CA PRO B 486 11.42 3.16 -47.22
C PRO B 486 10.86 3.41 -48.62
N VAL B 487 11.73 3.50 -49.63
CA VAL B 487 11.25 3.65 -51.04
C VAL B 487 11.68 2.42 -51.83
N THR B 488 10.72 1.66 -52.38
CA THR B 488 11.04 0.45 -53.17
C THR B 488 11.65 0.80 -54.53
N HIS B 489 11.18 1.86 -55.19
CA HIS B 489 11.65 2.16 -56.58
C HIS B 489 13.15 2.41 -56.63
N CYS B 490 13.70 3.28 -55.78
CA CYS B 490 15.17 3.48 -55.73
C CYS B 490 15.70 3.60 -57.17
N VAL B 491 15.16 4.53 -57.97
CA VAL B 491 15.55 4.61 -59.41
C VAL B 491 16.77 5.52 -59.61
N GLU B 492 17.29 6.15 -58.54
CA GLU B 492 18.40 7.12 -58.71
C GLU B 492 19.74 6.47 -58.34
N ASP B 493 20.84 6.93 -58.95
CA ASP B 493 22.19 6.39 -58.63
C ASP B 493 22.38 6.14 -57.14
N GLY B 494 22.62 4.89 -56.78
CA GLY B 494 22.91 4.62 -55.38
C GLY B 494 21.78 5.00 -54.46
N THR B 495 20.52 5.01 -54.94
CA THR B 495 19.36 5.27 -54.04
C THR B 495 19.32 4.20 -52.96
N TYR B 496 19.50 4.60 -51.72
CA TYR B 496 19.60 3.58 -50.66
C TYR B 496 18.58 3.94 -49.57
N LEU B 497 17.95 2.93 -48.98
CA LEU B 497 16.94 3.15 -47.91
C LEU B 497 17.70 3.80 -46.74
N ALA B 498 17.51 5.10 -46.51
CA ALA B 498 18.22 5.80 -45.42
C ALA B 498 17.30 5.92 -44.21
N THR B 499 17.64 5.26 -43.09
CA THR B 499 16.76 5.27 -41.90
C THR B 499 16.99 6.56 -41.10
N GLU B 500 16.76 7.72 -41.72
CA GLU B 500 16.91 9.01 -41.00
C GLU B 500 15.82 9.10 -39.93
N VAL B 501 16.19 9.53 -38.72
CA VAL B 501 15.20 9.65 -37.61
C VAL B 501 14.15 10.69 -38.02
N ASN B 502 12.87 10.39 -37.79
CA ASN B 502 11.80 11.39 -38.07
C ASN B 502 11.77 12.39 -36.92
N PRO B 503 11.78 13.72 -37.19
CA PRO B 503 11.83 14.70 -36.11
C PRO B 503 10.60 14.54 -35.21
N ALA B 504 9.42 14.31 -35.81
CA ALA B 504 8.18 14.12 -35.02
C ALA B 504 8.32 12.89 -34.13
N ASP B 505 8.81 11.78 -34.69
CA ASP B 505 9.05 10.55 -33.88
C ASP B 505 10.49 10.10 -34.10
N THR B 506 11.33 10.23 -33.08
CA THR B 506 12.76 9.85 -33.24
C THR B 506 12.83 8.35 -33.53
N CYS B 507 12.11 7.55 -32.75
CA CYS B 507 12.08 6.08 -32.96
C CYS B 507 11.34 5.75 -34.26
N CYS B 508 10.22 6.45 -34.51
CA CYS B 508 9.49 6.23 -35.78
C CYS B 508 10.21 7.04 -36.87
N ASN B 509 11.36 6.54 -37.31
CA ASN B 509 12.16 7.24 -38.36
C ASN B 509 11.66 6.81 -39.74
N ILE B 510 12.38 7.20 -40.80
CA ILE B 510 12.00 6.74 -42.17
C ILE B 510 13.25 6.18 -42.85
N THR B 511 13.10 5.15 -43.69
CA THR B 511 14.25 4.50 -44.37
C THR B 511 14.06 4.62 -45.89
N VAL B 512 13.58 5.76 -46.37
CA VAL B 512 13.28 5.93 -47.83
C VAL B 512 14.54 5.79 -48.69
N CYS B 513 14.38 5.40 -49.95
CA CYS B 513 15.52 5.29 -50.90
C CYS B 513 16.07 6.67 -51.23
N LYS B 514 17.36 6.89 -50.97
CA LYS B 514 17.95 8.24 -51.08
C LYS B 514 19.26 8.16 -51.84
N CYS B 515 19.42 8.98 -52.87
CA CYS B 515 20.62 8.88 -53.75
C CYS B 515 21.93 9.17 -53.01
N ASN B 516 22.89 8.24 -53.08
CA ASN B 516 24.25 8.46 -52.50
C ASN B 516 25.12 8.74 -53.71
N THR B 517 26.33 9.26 -53.50
CA THR B 517 27.23 9.66 -54.61
C THR B 517 27.53 8.50 -55.56
N SER B 518 27.76 7.30 -55.03
CA SER B 518 27.99 6.11 -55.88
C SER B 518 26.65 5.44 -56.15
#